data_4PNR
#
_entry.id   4PNR
#
_cell.length_a   74.060
_cell.length_b   79.410
_cell.length_c   153.190
_cell.angle_alpha   90.000
_cell.angle_beta   90.000
_cell.angle_gamma   90.000
#
_symmetry.space_group_name_H-M   'P 21 21 21'
#
loop_
_entity.id
_entity.type
_entity.pdbx_description
1 polymer Tankyrase-2
2 non-polymer 'ZINC ION'
3 non-polymer 4H-thieno[2,3-c]isoquinolin-5-one
4 non-polymer GLYCEROL
5 non-polymer ETHANOL
6 water water
#
_entity_poly.entity_id   1
_entity_poly.type   'polypeptide(L)'
_entity_poly.pdbx_seq_one_letter_code
;MGSSHHHHHHSSGRENLYFQGSPDDKEFQSVEEEMQSTVREHRDGGHAGGIFNRYNILKIQKVCNKKLWERYTHRRKEVS
EENHNHANERMLFHGSPFVNAIIHKGFDERHAYIGGMFGAGIYFAENSSKSNQYVYGIGGGTGCPVHKDRSCYICHRQLL
FCRVTLGKSFLQFSAMKMAHSPPGHHSVTGRPSVNGLALAEYVIYRGEQAYPEYLITYQIMRPEGMV
;
_entity_poly.pdbx_strand_id   A,B,C,D
#
loop_
_chem_comp.id
_chem_comp.type
_chem_comp.name
_chem_comp.formula
EOH non-polymer ETHANOL 'C2 H6 O'
G18 non-polymer 4H-thieno[2,3-c]isoquinolin-5-one 'C11 H7 N O S'
GOL non-polymer GLYCEROL 'C3 H8 O3'
ZN non-polymer 'ZINC ION' 'Zn 2'
#
# COMPACT_ATOMS: atom_id res chain seq x y z
N ASP A 25 5.89 10.92 50.35
CA ASP A 25 6.07 9.66 49.63
C ASP A 25 7.55 9.27 49.53
N LYS A 26 7.88 8.02 49.92
CA LYS A 26 9.22 7.46 49.92
C LYS A 26 9.64 7.02 48.51
N GLU A 27 8.67 6.55 47.71
CA GLU A 27 8.88 6.13 46.32
C GLU A 27 9.41 7.32 45.51
N PHE A 28 8.82 8.50 45.70
CA PHE A 28 9.22 9.71 45.02
C PHE A 28 10.51 10.32 45.61
N GLN A 29 10.75 10.16 46.94
CA GLN A 29 12.01 10.60 47.56
C GLN A 29 13.18 9.78 46.96
N SER A 30 12.94 8.50 46.66
CA SER A 30 13.91 7.60 46.06
C SER A 30 14.28 8.10 44.64
N VAL A 31 13.25 8.52 43.89
CA VAL A 31 13.43 9.07 42.54
C VAL A 31 14.19 10.40 42.60
N GLU A 32 13.78 11.32 43.52
CA GLU A 32 14.49 12.60 43.70
C GLU A 32 15.96 12.33 44.06
N GLU A 33 16.24 11.35 44.95
CA GLU A 33 17.63 11.03 45.35
C GLU A 33 18.45 10.52 44.13
N GLU A 34 17.86 9.68 43.27
CA GLU A 34 18.57 9.20 42.08
C GLU A 34 18.84 10.35 41.11
N MET A 35 17.85 11.24 40.95
CA MET A 35 17.98 12.40 40.10
C MET A 35 19.17 13.29 40.59
N GLN A 36 19.18 13.63 41.90
CA GLN A 36 20.22 14.50 42.45
C GLN A 36 21.60 13.85 42.54
N SER A 37 21.69 12.60 43.04
CA SER A 37 22.97 11.95 43.31
C SER A 37 23.76 11.53 42.08
N THR A 38 23.09 11.44 40.93
CA THR A 38 23.76 11.01 39.70
C THR A 38 24.26 12.16 38.82
N VAL A 39 24.10 13.40 39.28
CA VAL A 39 24.63 14.58 38.56
C VAL A 39 26.16 14.47 38.51
N ARG A 40 26.74 14.80 37.37
CA ARG A 40 28.19 14.81 37.20
C ARG A 40 28.60 16.11 36.51
N GLU A 41 29.88 16.44 36.57
CA GLU A 41 30.47 17.61 35.92
C GLU A 41 30.69 17.18 34.49
N HIS A 42 30.13 17.93 33.53
CA HIS A 42 30.28 17.53 32.13
C HIS A 42 31.50 18.11 31.43
N ARG A 43 32.15 17.32 30.54
CA ARG A 43 33.35 17.69 29.77
C ARG A 43 33.10 18.95 28.92
N ASP A 44 31.85 19.18 28.47
CA ASP A 44 31.50 20.36 27.65
C ASP A 44 31.34 21.67 28.47
N GLY A 45 31.63 21.63 29.78
CA GLY A 45 31.53 22.76 30.69
C GLY A 45 30.14 23.33 30.84
N GLY A 46 29.13 22.51 30.57
CA GLY A 46 27.73 22.90 30.67
C GLY A 46 27.13 23.42 29.37
N HIS A 47 27.88 23.32 28.26
CA HIS A 47 27.41 23.82 26.97
C HIS A 47 26.04 23.30 26.58
N ALA A 48 25.85 21.98 26.58
CA ALA A 48 24.59 21.34 26.17
C ALA A 48 23.47 21.47 27.19
N GLY A 49 23.74 21.16 28.45
CA GLY A 49 22.70 21.08 29.47
C GLY A 49 22.57 22.21 30.47
N GLY A 50 23.54 23.12 30.47
CA GLY A 50 23.55 24.21 31.42
C GLY A 50 24.54 23.98 32.55
N ILE A 51 24.76 25.02 33.36
CA ILE A 51 25.71 24.99 34.48
C ILE A 51 24.94 24.84 35.76
N PHE A 52 25.19 23.74 36.49
CA PHE A 52 24.48 23.41 37.72
C PHE A 52 25.15 22.25 38.43
N ASN A 53 24.91 22.15 39.74
CA ASN A 53 25.39 21.06 40.57
C ASN A 53 24.19 20.25 41.04
N ARG A 54 23.01 20.90 41.08
CA ARG A 54 21.79 20.24 41.54
C ARG A 54 20.56 20.78 40.82
N TYR A 55 19.39 20.16 41.09
CA TYR A 55 18.13 20.58 40.52
C TYR A 55 17.17 21.07 41.58
N ASN A 56 16.15 21.81 41.14
CA ASN A 56 15.00 22.11 41.94
C ASN A 56 13.94 21.15 41.38
N ILE A 57 13.65 20.05 42.09
CA ILE A 57 12.64 19.09 41.64
C ILE A 57 11.26 19.62 41.98
N LEU A 58 10.44 19.86 40.95
CA LEU A 58 9.10 20.44 41.17
C LEU A 58 8.00 19.44 41.35
N LYS A 59 8.01 18.39 40.55
CA LYS A 59 6.96 17.39 40.54
C LYS A 59 7.53 16.08 40.04
N ILE A 60 7.03 14.96 40.60
CA ILE A 60 7.39 13.63 40.14
C ILE A 60 6.04 12.93 40.00
N GLN A 61 5.72 12.49 38.79
CA GLN A 61 4.46 11.85 38.51
C GLN A 61 4.74 10.44 38.05
N LYS A 62 3.98 9.49 38.57
CA LYS A 62 4.12 8.11 38.13
C LYS A 62 3.18 7.98 36.92
N VAL A 63 3.71 7.40 35.83
CA VAL A 63 2.96 7.24 34.59
C VAL A 63 2.29 5.86 34.66
N CYS A 64 0.97 5.85 34.48
CA CYS A 64 0.18 4.64 34.52
C CYS A 64 -0.53 4.51 33.19
N ASN A 65 0.12 3.84 32.24
CA ASN A 65 -0.45 3.62 30.93
C ASN A 65 -0.47 2.10 30.80
N LYS A 66 -1.64 1.49 31.04
CA LYS A 66 -1.80 0.02 31.02
C LYS A 66 -1.36 -0.65 29.73
N LYS A 67 -1.75 -0.10 28.59
CA LYS A 67 -1.38 -0.66 27.27
C LYS A 67 0.16 -0.65 27.09
N LEU A 68 0.86 0.47 27.47
CA LEU A 68 2.32 0.52 27.35
C LEU A 68 2.97 -0.41 28.35
N TRP A 69 2.40 -0.51 29.56
CA TRP A 69 2.95 -1.40 30.59
C TRP A 69 2.91 -2.86 30.12
N GLU A 70 1.79 -3.26 29.53
CA GLU A 70 1.64 -4.63 29.01
C GLU A 70 2.55 -4.92 27.86
N ARG A 71 2.78 -3.95 26.97
CA ARG A 71 3.70 -4.10 25.84
C ARG A 71 5.12 -4.30 26.42
N TYR A 72 5.45 -3.50 27.47
CA TYR A 72 6.74 -3.59 28.14
C TYR A 72 6.92 -4.97 28.82
N THR A 73 5.97 -5.37 29.69
CA THR A 73 6.09 -6.64 30.43
C THR A 73 6.06 -7.87 29.50
N HIS A 74 5.35 -7.78 28.37
CA HIS A 74 5.32 -8.88 27.42
C HIS A 74 6.73 -9.07 26.84
N ARG A 75 7.35 -7.97 26.39
CA ARG A 75 8.70 -8.03 25.84
C ARG A 75 9.71 -8.44 26.93
N ARG A 76 9.54 -7.93 28.14
CA ARG A 76 10.44 -8.25 29.26
C ARG A 76 10.48 -9.74 29.54
N LYS A 77 9.31 -10.41 29.49
CA LYS A 77 9.22 -11.86 29.68
C LYS A 77 9.99 -12.60 28.57
N GLU A 78 9.82 -12.17 27.30
CA GLU A 78 10.51 -12.77 26.13
C GLU A 78 12.01 -12.62 26.27
N VAL A 79 12.48 -11.39 26.64
CA VAL A 79 13.90 -11.15 26.81
C VAL A 79 14.43 -12.03 27.94
N SER A 80 13.69 -12.12 29.12
CA SER A 80 14.13 -12.95 30.25
C SER A 80 14.33 -14.39 29.82
N GLU A 81 13.39 -14.94 29.03
CA GLU A 81 13.47 -16.30 28.52
C GLU A 81 14.69 -16.54 27.63
N GLU A 82 15.14 -15.50 26.95
CA GLU A 82 16.30 -15.53 26.05
C GLU A 82 17.59 -15.13 26.77
N ASN A 83 17.52 -14.83 28.08
CA ASN A 83 18.70 -14.39 28.83
C ASN A 83 18.83 -15.07 30.18
N HIS A 84 18.73 -16.41 30.18
CA HIS A 84 18.88 -17.22 31.39
C HIS A 84 17.90 -16.78 32.52
N ASN A 85 16.60 -16.56 32.17
CA ASN A 85 15.52 -16.20 33.10
C ASN A 85 15.79 -14.86 33.85
N HIS A 86 16.49 -13.93 33.19
CA HIS A 86 16.86 -12.67 33.77
C HIS A 86 16.60 -11.54 32.77
N ALA A 87 15.80 -10.56 33.17
CA ALA A 87 15.50 -9.46 32.26
C ALA A 87 16.64 -8.47 32.13
N ASN A 88 17.50 -8.38 33.17
CA ASN A 88 18.55 -7.35 33.27
C ASN A 88 17.88 -5.95 33.14
N GLU A 89 16.86 -5.73 33.98
CA GLU A 89 16.13 -4.48 34.01
C GLU A 89 16.88 -3.47 34.88
N ARG A 90 16.92 -2.21 34.39
CA ARG A 90 17.53 -1.12 35.13
C ARG A 90 16.62 0.09 35.08
N MET A 91 16.73 0.96 36.10
CA MET A 91 16.00 2.24 36.07
C MET A 91 16.99 3.25 35.51
N LEU A 92 16.67 3.85 34.37
CA LEU A 92 17.57 4.81 33.69
C LEU A 92 16.85 6.06 33.27
N PHE A 93 17.60 7.14 33.08
CA PHE A 93 17.03 8.41 32.63
C PHE A 93 16.98 8.55 31.13
N HIS A 94 16.00 9.31 30.65
CA HIS A 94 15.86 9.63 29.24
C HIS A 94 15.46 11.08 29.11
N GLY A 95 16.20 11.86 28.31
CA GLY A 95 15.85 13.25 28.04
C GLY A 95 15.48 13.42 26.60
N SER A 96 14.39 14.17 26.33
CA SER A 96 13.93 14.40 24.99
C SER A 96 12.95 15.53 24.93
N PRO A 97 12.89 16.28 23.81
CA PRO A 97 11.82 17.28 23.66
C PRO A 97 10.44 16.61 23.48
N PHE A 98 10.41 15.29 23.25
CA PHE A 98 9.18 14.56 22.97
C PHE A 98 8.66 13.69 24.10
N VAL A 99 8.97 14.07 25.35
CA VAL A 99 8.52 13.29 26.52
C VAL A 99 6.99 13.11 26.61
N ASN A 100 6.21 14.12 26.20
CA ASN A 100 4.75 14.02 26.22
C ASN A 100 4.25 12.95 25.23
N ALA A 101 4.83 12.89 24.01
CA ALA A 101 4.47 11.86 23.06
C ALA A 101 4.87 10.48 23.60
N ILE A 102 6.07 10.37 24.22
CA ILE A 102 6.54 9.10 24.81
C ILE A 102 5.56 8.58 25.89
N ILE A 103 5.07 9.45 26.77
CA ILE A 103 4.17 8.98 27.81
C ILE A 103 2.84 8.43 27.29
N HIS A 104 2.38 8.97 26.17
CA HIS A 104 1.13 8.56 25.57
C HIS A 104 1.29 7.40 24.60
N LYS A 105 2.32 7.46 23.73
CA LYS A 105 2.52 6.46 22.68
C LYS A 105 3.61 5.44 22.95
N GLY A 106 4.48 5.71 23.91
CA GLY A 106 5.60 4.84 24.27
C GLY A 106 6.85 5.18 23.49
N PHE A 107 7.96 4.54 23.81
CA PHE A 107 9.21 4.74 23.07
C PHE A 107 9.00 4.11 21.70
N ASP A 108 9.63 4.67 20.68
CA ASP A 108 9.42 4.22 19.31
C ASP A 108 10.72 4.25 18.56
N GLU A 109 11.28 3.05 18.23
CA GLU A 109 12.53 2.95 17.49
C GLU A 109 12.42 3.57 16.08
N ARG A 110 11.18 3.79 15.56
CA ARG A 110 11.02 4.42 14.24
C ARG A 110 11.47 5.91 14.29
N HIS A 111 11.57 6.46 15.52
CA HIS A 111 12.08 7.80 15.80
C HIS A 111 13.43 7.66 16.51
N ALA A 112 14.22 6.60 16.20
CA ALA A 112 15.50 6.38 16.90
C ALA A 112 16.46 7.52 16.58
N TYR A 113 17.48 7.72 17.45
CA TYR A 113 18.52 8.72 17.26
C TYR A 113 19.60 8.12 16.34
N ILE A 114 19.39 8.27 15.03
CA ILE A 114 20.30 7.75 13.99
C ILE A 114 21.78 8.24 14.14
N GLY A 115 21.96 9.50 14.55
CA GLY A 115 23.27 10.11 14.71
C GLY A 115 24.06 9.67 15.95
N GLY A 116 23.48 8.77 16.76
CA GLY A 116 24.12 8.32 17.98
C GLY A 116 25.36 7.47 17.75
N MET A 117 26.20 7.41 18.77
CA MET A 117 27.46 6.65 18.79
C MET A 117 27.24 5.17 18.46
N PHE A 118 26.07 4.62 18.88
CA PHE A 118 25.72 3.22 18.66
C PHE A 118 24.60 3.04 17.64
N GLY A 119 24.46 4.02 16.77
CA GLY A 119 23.49 3.93 15.68
C GLY A 119 22.06 4.23 16.07
N ALA A 120 21.13 3.65 15.32
CA ALA A 120 19.71 3.90 15.38
C ALA A 120 18.99 3.27 16.55
N GLY A 121 19.32 3.74 17.74
CA GLY A 121 18.69 3.24 18.95
C GLY A 121 18.04 4.32 19.78
N ILE A 122 17.56 3.91 20.94
CA ILE A 122 16.90 4.77 21.92
C ILE A 122 17.89 4.75 23.09
N TYR A 123 18.37 5.93 23.46
CA TYR A 123 19.46 6.10 24.41
C TYR A 123 19.00 6.48 25.78
N PHE A 124 19.64 5.88 26.80
CA PHE A 124 19.36 6.14 28.22
C PHE A 124 20.66 6.36 28.97
N ALA A 125 20.58 7.02 30.10
CA ALA A 125 21.76 7.28 30.93
C ALA A 125 21.51 6.86 32.38
N GLU A 126 22.58 6.48 33.09
CA GLU A 126 22.44 6.24 34.53
C GLU A 126 22.72 7.56 35.28
N ASN A 127 23.20 8.62 34.56
CA ASN A 127 23.46 9.95 35.15
C ASN A 127 22.41 10.92 34.64
N SER A 128 21.57 11.44 35.56
CA SER A 128 20.47 12.35 35.19
C SER A 128 20.99 13.56 34.38
N SER A 129 22.16 14.10 34.77
CA SER A 129 22.74 15.28 34.09
C SER A 129 23.15 14.99 32.62
N LYS A 130 23.40 13.72 32.29
CA LYS A 130 23.71 13.34 30.90
C LYS A 130 22.38 13.43 30.09
N SER A 131 21.28 12.87 30.64
CA SER A 131 19.96 12.94 30.00
C SER A 131 19.46 14.38 29.88
N ASN A 132 19.81 15.22 30.88
CA ASN A 132 19.47 16.66 30.86
C ASN A 132 20.04 17.36 29.62
N GLN A 133 21.18 16.89 29.07
CA GLN A 133 21.81 17.46 27.87
C GLN A 133 20.96 17.28 26.59
N TYR A 134 19.93 16.44 26.65
CA TYR A 134 19.07 16.08 25.51
C TYR A 134 17.65 16.60 25.59
N VAL A 135 17.29 17.20 26.75
CA VAL A 135 15.93 17.72 26.98
C VAL A 135 15.48 18.71 25.90
N TYR A 136 16.38 19.61 25.47
CA TYR A 136 16.01 20.58 24.43
C TYR A 136 16.48 20.24 23.02
N GLY A 137 16.97 19.02 22.84
CA GLY A 137 17.46 18.53 21.56
C GLY A 137 18.89 18.02 21.61
N ILE A 138 19.42 17.60 20.44
CA ILE A 138 20.80 17.10 20.37
C ILE A 138 21.76 18.23 20.69
N GLY A 139 22.66 17.97 21.64
CA GLY A 139 23.59 18.97 22.15
C GLY A 139 22.88 20.13 22.83
N GLY A 140 21.66 19.88 23.33
CA GLY A 140 20.82 20.87 23.99
C GLY A 140 20.04 21.77 23.05
N GLY A 141 20.16 21.52 21.74
CA GLY A 141 19.51 22.33 20.70
C GLY A 141 19.80 23.80 20.87
N THR A 142 18.75 24.65 20.80
CA THR A 142 18.88 26.10 21.05
C THR A 142 18.36 26.43 22.45
N GLY A 143 18.26 25.42 23.30
CA GLY A 143 17.80 25.61 24.68
C GLY A 143 16.30 25.76 24.80
N CYS A 144 15.85 26.40 25.90
CA CYS A 144 14.40 26.55 26.18
C CYS A 144 13.66 27.30 25.06
N PRO A 145 12.38 26.96 24.77
CA PRO A 145 11.64 27.70 23.72
C PRO A 145 11.45 29.19 23.99
N VAL A 146 11.28 29.60 25.27
CA VAL A 146 11.03 30.99 25.66
C VAL A 146 12.26 31.90 25.54
N HIS A 147 13.41 31.48 26.10
CA HIS A 147 14.60 32.33 26.14
C HIS A 147 15.76 31.90 25.25
N LYS A 148 15.63 30.75 24.56
CA LYS A 148 16.69 30.17 23.70
C LYS A 148 17.99 30.05 24.52
N ASP A 149 17.87 29.52 25.74
CA ASP A 149 18.98 29.43 26.67
C ASP A 149 19.13 27.97 27.12
N ARG A 150 20.27 27.34 26.73
CA ARG A 150 20.55 25.95 27.13
C ARG A 150 20.77 25.85 28.65
N SER A 151 21.13 26.96 29.31
CA SER A 151 21.34 27.00 30.75
C SER A 151 20.21 27.72 31.48
N CYS A 152 18.98 27.71 30.91
CA CYS A 152 17.87 28.45 31.53
C CYS A 152 17.59 27.92 32.93
N TYR A 153 17.51 28.83 33.91
CA TYR A 153 17.19 28.47 35.28
C TYR A 153 15.72 28.77 35.57
N ILE A 154 15.03 29.38 34.60
CA ILE A 154 13.63 29.77 34.77
C ILE A 154 12.66 28.73 34.29
N CYS A 155 12.81 28.29 33.04
CA CYS A 155 11.92 27.34 32.41
C CYS A 155 11.96 25.97 33.04
N HIS A 156 10.79 25.35 33.16
CA HIS A 156 10.68 24.03 33.75
C HIS A 156 10.98 22.97 32.70
N ARG A 157 11.83 22.01 33.06
CA ARG A 157 12.27 20.92 32.20
C ARG A 157 11.61 19.64 32.62
N GLN A 158 11.57 18.66 31.72
CA GLN A 158 11.03 17.34 32.08
C GLN A 158 12.02 16.27 31.61
N LEU A 159 12.23 15.25 32.47
CA LEU A 159 13.07 14.09 32.18
C LEU A 159 12.18 12.90 32.49
N LEU A 160 12.51 11.74 31.90
CA LEU A 160 11.80 10.52 32.26
C LEU A 160 12.76 9.62 33.04
N PHE A 161 12.24 8.91 34.05
CA PHE A 161 13.03 7.92 34.77
C PHE A 161 12.29 6.62 34.44
N CYS A 162 12.97 5.76 33.66
CA CYS A 162 12.40 4.64 32.96
C CYS A 162 12.82 3.29 33.39
N ARG A 163 11.92 2.32 33.21
CA ARG A 163 12.26 0.91 33.39
C ARG A 163 12.81 0.48 32.05
N VAL A 164 14.03 -0.05 32.01
CA VAL A 164 14.65 -0.43 30.73
C VAL A 164 15.10 -1.88 30.79
N THR A 165 14.62 -2.70 29.86
CA THR A 165 15.05 -4.09 29.78
C THR A 165 16.30 -4.15 28.91
N LEU A 166 17.46 -4.46 29.52
CA LEU A 166 18.71 -4.54 28.74
C LEU A 166 18.97 -5.97 28.19
N GLY A 167 18.42 -6.98 28.87
CA GLY A 167 18.68 -8.37 28.54
C GLY A 167 20.17 -8.65 28.45
N LYS A 168 20.59 -9.36 27.38
CA LYS A 168 22.01 -9.66 27.16
C LYS A 168 22.56 -8.43 26.47
N SER A 169 23.32 -7.63 27.21
CA SER A 169 23.79 -6.33 26.74
C SER A 169 25.17 -6.42 26.19
N PHE A 170 25.33 -5.97 24.95
CA PHE A 170 26.62 -5.99 24.25
C PHE A 170 27.47 -4.83 24.75
N LEU A 171 28.60 -5.14 25.41
CA LEU A 171 29.49 -4.11 25.96
C LEU A 171 30.38 -3.54 24.86
N GLN A 172 30.30 -2.22 24.63
CA GLN A 172 31.10 -1.57 23.59
C GLN A 172 31.73 -0.24 24.13
N PHE A 173 32.97 0.07 23.70
CA PHE A 173 33.69 1.27 24.13
C PHE A 173 33.79 2.34 23.06
N SER A 174 33.85 1.93 21.79
CA SER A 174 33.98 2.86 20.66
C SER A 174 32.74 2.85 19.79
N ALA A 175 32.58 3.90 18.95
CA ALA A 175 31.46 4.05 18.02
C ALA A 175 31.24 2.77 17.21
N MET A 176 29.99 2.31 17.15
CA MET A 176 29.61 1.09 16.43
C MET A 176 28.17 1.35 15.98
N LYS A 177 28.02 1.87 14.76
CA LYS A 177 26.72 2.23 14.19
C LYS A 177 25.89 1.01 13.82
N MET A 178 24.96 0.65 14.68
CA MET A 178 24.11 -0.46 14.28
CA MET A 178 24.04 -0.50 14.56
C MET A 178 22.69 -0.03 14.07
N ALA A 179 21.93 -0.88 13.38
CA ALA A 179 20.53 -0.60 13.09
C ALA A 179 19.70 -1.33 14.17
N HIS A 180 20.21 -2.49 14.65
CA HIS A 180 19.50 -3.35 15.60
C HIS A 180 20.51 -3.89 16.63
N SER A 181 20.04 -4.57 17.66
CA SER A 181 20.93 -5.17 18.65
C SER A 181 21.90 -6.13 17.92
N PRO A 182 23.16 -6.27 18.42
CA PRO A 182 24.04 -7.28 17.84
C PRO A 182 23.40 -8.66 17.93
N PRO A 183 23.73 -9.58 16.99
CA PRO A 183 23.19 -10.95 17.08
C PRO A 183 23.26 -11.54 18.49
N GLY A 184 22.19 -12.20 18.91
CA GLY A 184 22.09 -12.82 20.23
C GLY A 184 21.96 -11.87 21.42
N HIS A 185 21.90 -10.53 21.18
CA HIS A 185 21.83 -9.53 22.24
C HIS A 185 20.53 -8.75 22.21
N HIS A 186 20.23 -8.00 23.30
CA HIS A 186 18.98 -7.24 23.44
C HIS A 186 19.20 -5.76 23.61
N SER A 187 20.47 -5.33 23.72
CA SER A 187 20.84 -3.91 23.93
C SER A 187 22.32 -3.75 23.76
N VAL A 188 22.78 -2.51 23.79
CA VAL A 188 24.19 -2.14 23.76
C VAL A 188 24.44 -1.28 24.99
N THR A 189 25.54 -1.58 25.73
CA THR A 189 26.00 -0.73 26.82
C THR A 189 27.29 -0.06 26.36
N GLY A 190 27.27 1.27 26.33
CA GLY A 190 28.45 2.06 26.02
C GLY A 190 29.20 2.32 27.30
N ARG A 191 30.41 1.80 27.41
CA ARG A 191 31.24 1.93 28.60
C ARG A 191 32.26 3.09 28.46
N PRO A 192 32.52 3.84 29.56
CA PRO A 192 33.53 4.93 29.50
C PRO A 192 34.94 4.44 29.13
N SER A 193 35.63 5.19 28.24
CA SER A 193 36.98 4.89 27.77
C SER A 193 37.75 6.19 27.46
N VAL A 194 39.11 6.16 27.63
CA VAL A 194 40.04 7.30 27.44
C VAL A 194 39.71 8.11 26.18
N ASN A 195 39.70 7.45 25.01
CA ASN A 195 39.44 8.01 23.70
C ASN A 195 37.93 8.28 23.45
N GLY A 196 37.06 7.71 24.29
CA GLY A 196 35.62 7.76 24.09
C GLY A 196 34.78 8.41 25.15
N LEU A 197 33.73 7.70 25.56
CA LEU A 197 32.72 8.17 26.50
C LEU A 197 33.27 8.57 27.86
N ALA A 198 32.73 9.66 28.40
CA ALA A 198 33.01 10.17 29.72
C ALA A 198 32.16 9.39 30.72
N LEU A 199 30.91 9.06 30.30
CA LEU A 199 29.93 8.38 31.15
C LEU A 199 29.24 7.28 30.34
N ALA A 200 28.64 6.31 31.03
CA ALA A 200 27.92 5.23 30.40
C ALA A 200 26.66 5.72 29.65
N GLU A 201 26.23 4.90 28.73
CA GLU A 201 24.98 5.05 28.05
C GLU A 201 24.47 3.68 27.66
N TYR A 202 23.14 3.54 27.57
CA TYR A 202 22.46 2.26 27.33
C TYR A 202 21.55 2.44 26.17
N VAL A 203 21.63 1.49 25.21
CA VAL A 203 20.91 1.67 23.96
C VAL A 203 20.03 0.47 23.69
N ILE A 204 18.74 0.72 23.39
CA ILE A 204 17.82 -0.35 22.97
C ILE A 204 17.41 -0.04 21.54
N TYR A 205 16.98 -1.06 20.80
CA TYR A 205 16.64 -0.90 19.39
C TYR A 205 15.20 -1.30 19.11
N ARG A 206 14.44 -1.53 20.20
CA ARG A 206 13.00 -1.87 20.18
C ARG A 206 12.34 -1.01 21.23
N GLY A 207 11.39 -0.18 20.82
CA GLY A 207 10.72 0.73 21.74
C GLY A 207 10.03 0.05 22.92
N GLU A 208 9.52 -1.19 22.72
CA GLU A 208 8.82 -1.91 23.79
C GLU A 208 9.74 -2.36 24.94
N GLN A 209 11.07 -2.21 24.78
CA GLN A 209 12.03 -2.54 25.83
C GLN A 209 12.24 -1.44 26.90
N ALA A 210 11.38 -0.40 26.90
CA ALA A 210 11.44 0.61 27.95
C ALA A 210 10.05 1.08 28.27
N TYR A 211 9.83 1.44 29.53
CA TYR A 211 8.57 1.96 30.01
C TYR A 211 8.86 3.31 30.70
N PRO A 212 8.16 4.40 30.30
CA PRO A 212 8.43 5.72 30.93
C PRO A 212 7.70 5.82 32.26
N GLU A 213 8.28 5.26 33.33
CA GLU A 213 7.64 5.12 34.63
C GLU A 213 7.40 6.39 35.41
N TYR A 214 8.40 7.31 35.43
CA TYR A 214 8.21 8.57 36.17
C TYR A 214 8.52 9.73 35.29
N LEU A 215 7.67 10.74 35.37
CA LEU A 215 7.86 12.01 34.66
C LEU A 215 8.32 12.99 35.71
N ILE A 216 9.52 13.53 35.53
CA ILE A 216 10.11 14.45 36.52
C ILE A 216 10.10 15.85 35.94
N THR A 217 9.46 16.79 36.64
CA THR A 217 9.43 18.19 36.23
C THR A 217 10.43 18.89 37.17
N TYR A 218 11.36 19.65 36.60
CA TYR A 218 12.41 20.23 37.42
C TYR A 218 13.03 21.46 36.77
N GLN A 219 13.91 22.12 37.51
CA GLN A 219 14.73 23.18 36.96
C GLN A 219 16.17 22.84 37.32
N ILE A 220 17.13 23.28 36.48
CA ILE A 220 18.53 23.18 36.90
C ILE A 220 18.72 24.41 37.82
N MET A 221 19.61 24.31 38.82
CA MET A 221 19.79 25.44 39.75
C MET A 221 21.11 26.13 39.55
N ARG A 222 21.10 27.45 39.60
CA ARG A 222 22.32 28.24 39.48
C ARG A 222 23.27 27.85 40.65
N PRO A 223 24.54 27.48 40.35
CA PRO A 223 25.47 27.10 41.43
C PRO A 223 25.65 28.20 42.49
N GLU A 224 25.90 27.76 43.74
CA GLU A 224 26.09 28.55 44.95
C GLU A 224 27.36 29.38 44.88
N LEU B 17 -18.35 -24.56 -15.99
CA LEU B 17 -18.24 -23.25 -16.64
C LEU B 17 -18.89 -23.21 -18.03
N TYR B 18 -18.73 -24.29 -18.84
CA TYR B 18 -19.30 -24.32 -20.21
C TYR B 18 -20.42 -25.32 -20.46
N PHE B 19 -21.46 -24.88 -21.18
CA PHE B 19 -22.60 -25.76 -21.47
C PHE B 19 -22.91 -25.70 -22.96
N GLN B 20 -23.27 -26.84 -23.61
CA GLN B 20 -23.65 -26.87 -25.02
C GLN B 20 -25.07 -27.37 -25.23
N ASP B 25 -31.28 -27.20 -29.71
CA ASP B 25 -31.96 -26.26 -28.82
C ASP B 25 -32.14 -24.85 -29.50
N LYS B 26 -33.33 -24.22 -29.32
CA LYS B 26 -33.74 -22.92 -29.87
C LYS B 26 -32.79 -21.77 -29.52
N GLU B 27 -32.28 -21.80 -28.27
CA GLU B 27 -31.36 -20.84 -27.69
C GLU B 27 -30.05 -20.75 -28.49
N PHE B 28 -29.43 -21.88 -28.80
CA PHE B 28 -28.15 -21.98 -29.51
C PHE B 28 -28.27 -21.76 -31.04
N GLN B 29 -29.44 -22.10 -31.61
CA GLN B 29 -29.76 -21.83 -33.02
C GLN B 29 -29.93 -20.30 -33.17
N SER B 30 -30.51 -19.65 -32.13
CA SER B 30 -30.72 -18.20 -32.08
C SER B 30 -29.35 -17.48 -32.11
N VAL B 31 -28.38 -18.00 -31.34
CA VAL B 31 -27.02 -17.44 -31.33
C VAL B 31 -26.33 -17.61 -32.70
N GLU B 32 -26.41 -18.82 -33.30
CA GLU B 32 -25.81 -19.06 -34.63
C GLU B 32 -26.46 -18.10 -35.64
N GLU B 33 -27.79 -17.92 -35.57
CA GLU B 33 -28.51 -17.03 -36.50
C GLU B 33 -28.07 -15.57 -36.33
N GLU B 34 -27.84 -15.11 -35.09
CA GLU B 34 -27.38 -13.73 -34.86
C GLU B 34 -25.96 -13.57 -35.41
N MET B 35 -25.12 -14.59 -35.21
CA MET B 35 -23.76 -14.59 -35.70
C MET B 35 -23.76 -14.48 -37.25
N GLN B 36 -24.52 -15.34 -37.94
CA GLN B 36 -24.57 -15.36 -39.39
C GLN B 36 -25.29 -14.15 -40.02
N SER B 37 -26.47 -13.80 -39.49
CA SER B 37 -27.30 -12.76 -40.08
C SER B 37 -26.79 -11.32 -39.94
N THR B 38 -25.87 -11.09 -38.99
CA THR B 38 -25.34 -9.75 -38.77
C THR B 38 -24.04 -9.47 -39.50
N VAL B 39 -23.58 -10.40 -40.34
CA VAL B 39 -22.38 -10.19 -41.17
C VAL B 39 -22.69 -9.04 -42.15
N ARG B 40 -21.74 -8.13 -42.35
CA ARG B 40 -21.89 -7.02 -43.29
C ARG B 40 -20.62 -6.93 -44.12
N GLU B 41 -20.69 -6.25 -45.26
CA GLU B 41 -19.55 -5.99 -46.13
C GLU B 41 -18.84 -4.78 -45.50
N HIS B 42 -17.56 -4.91 -45.21
CA HIS B 42 -16.83 -3.86 -44.51
C HIS B 42 -16.15 -2.87 -45.44
N ARG B 43 -16.12 -1.58 -45.01
CA ARG B 43 -15.50 -0.47 -45.74
C ARG B 43 -14.01 -0.73 -46.02
N ASP B 44 -13.31 -1.50 -45.14
CA ASP B 44 -11.89 -1.84 -45.33
C ASP B 44 -11.63 -2.95 -46.37
N GLY B 45 -12.68 -3.43 -47.07
CA GLY B 45 -12.56 -4.49 -48.08
C GLY B 45 -12.09 -5.83 -47.56
N GLY B 46 -12.28 -6.09 -46.24
CA GLY B 46 -11.85 -7.33 -45.60
C GLY B 46 -10.44 -7.27 -45.03
N HIS B 47 -9.80 -6.08 -45.05
CA HIS B 47 -8.42 -5.93 -44.59
C HIS B 47 -8.19 -6.45 -43.18
N ALA B 48 -8.98 -5.96 -42.20
CA ALA B 48 -8.82 -6.35 -40.80
C ALA B 48 -9.30 -7.77 -40.47
N GLY B 49 -10.49 -8.15 -40.93
CA GLY B 49 -11.14 -9.39 -40.54
C GLY B 49 -11.16 -10.54 -41.54
N GLY B 50 -10.72 -10.28 -42.77
CA GLY B 50 -10.76 -11.30 -43.83
C GLY B 50 -11.93 -11.17 -44.78
N ILE B 51 -11.89 -11.93 -45.89
CA ILE B 51 -12.95 -11.91 -46.92
C ILE B 51 -13.84 -13.16 -46.75
N PHE B 52 -15.14 -12.90 -46.52
CA PHE B 52 -16.12 -13.96 -46.25
C PHE B 52 -17.52 -13.36 -46.25
N ASN B 53 -18.51 -14.21 -46.49
CA ASN B 53 -19.93 -13.84 -46.43
C ASN B 53 -20.57 -14.57 -45.23
N ARG B 54 -19.96 -15.68 -44.81
CA ARG B 54 -20.49 -16.49 -43.73
C ARG B 54 -19.38 -17.19 -42.95
N TYR B 55 -19.76 -17.83 -41.84
CA TYR B 55 -18.84 -18.55 -40.98
C TYR B 55 -19.15 -20.03 -41.00
N ASN B 56 -18.18 -20.83 -40.56
CA ASN B 56 -18.36 -22.22 -40.24
C ASN B 56 -18.36 -22.20 -38.70
N ILE B 57 -19.55 -22.30 -38.09
CA ILE B 57 -19.67 -22.28 -36.63
C ILE B 57 -19.32 -23.66 -36.10
N LEU B 58 -18.25 -23.74 -35.30
CA LEU B 58 -17.77 -25.02 -34.78
C LEU B 58 -18.36 -25.42 -33.45
N LYS B 59 -18.52 -24.45 -32.55
CA LYS B 59 -19.00 -24.69 -31.20
C LYS B 59 -19.58 -23.40 -30.64
N ILE B 60 -20.64 -23.54 -29.82
CA ILE B 60 -21.23 -22.42 -29.09
C ILE B 60 -21.36 -22.93 -27.66
N GLN B 61 -20.68 -22.28 -26.74
CA GLN B 61 -20.69 -22.69 -25.33
C GLN B 61 -21.30 -21.57 -24.51
N LYS B 62 -22.20 -21.92 -23.61
CA LYS B 62 -22.79 -20.98 -22.67
C LYS B 62 -21.85 -20.91 -21.49
N VAL B 63 -21.52 -19.68 -21.07
CA VAL B 63 -20.59 -19.42 -19.98
C VAL B 63 -21.41 -19.22 -18.70
N CYS B 64 -21.14 -20.03 -17.69
CA CYS B 64 -21.84 -19.94 -16.41
C CYS B 64 -20.79 -19.67 -15.34
N ASN B 65 -20.56 -18.38 -15.07
CA ASN B 65 -19.60 -17.93 -14.08
C ASN B 65 -20.41 -17.16 -13.04
N LYS B 66 -20.73 -17.82 -11.92
CA LYS B 66 -21.54 -17.24 -10.82
C LYS B 66 -21.06 -15.90 -10.30
N LYS B 67 -19.74 -15.75 -10.01
CA LYS B 67 -19.17 -14.50 -9.51
C LYS B 67 -19.39 -13.34 -10.50
N LEU B 68 -19.16 -13.60 -11.81
CA LEU B 68 -19.34 -12.57 -12.83
C LEU B 68 -20.80 -12.26 -13.00
N TRP B 69 -21.67 -13.29 -12.92
CA TRP B 69 -23.10 -13.07 -13.08
C TRP B 69 -23.64 -12.20 -11.96
N GLU B 70 -23.21 -12.44 -10.72
CA GLU B 70 -23.66 -11.62 -9.57
C GLU B 70 -23.18 -10.19 -9.66
N ARG B 71 -21.93 -9.99 -10.14
CA ARG B 71 -21.37 -8.64 -10.33
C ARG B 71 -22.19 -7.91 -11.39
N TYR B 72 -22.50 -8.64 -12.49
CA TYR B 72 -23.29 -8.09 -13.59
C TYR B 72 -24.71 -7.72 -13.14
N THR B 73 -25.43 -8.64 -12.50
CA THR B 73 -26.82 -8.38 -12.10
C THR B 73 -26.93 -7.29 -11.04
N HIS B 74 -25.92 -7.20 -10.15
CA HIS B 74 -25.91 -6.15 -9.13
C HIS B 74 -25.84 -4.79 -9.81
N ARG B 75 -24.91 -4.64 -10.78
CA ARG B 75 -24.76 -3.39 -11.50
C ARG B 75 -25.99 -3.12 -12.37
N ARG B 76 -26.53 -4.15 -12.99
CA ARG B 76 -27.71 -4.01 -13.88
C ARG B 76 -28.90 -3.42 -13.13
N LYS B 77 -29.10 -3.86 -11.87
CA LYS B 77 -30.19 -3.36 -11.04
C LYS B 77 -29.95 -1.87 -10.70
N GLU B 78 -28.70 -1.48 -10.37
CA GLU B 78 -28.34 -0.08 -10.09
C GLU B 78 -28.60 0.77 -11.29
N VAL B 79 -28.13 0.34 -12.48
CA VAL B 79 -28.33 1.10 -13.71
C VAL B 79 -29.83 1.27 -13.99
N SER B 80 -30.63 0.19 -13.92
CA SER B 80 -32.09 0.25 -14.17
C SER B 80 -32.73 1.29 -13.26
N GLU B 81 -32.36 1.31 -11.98
CA GLU B 81 -32.90 2.27 -11.00
C GLU B 81 -32.54 3.73 -11.34
N GLU B 82 -31.38 3.93 -11.95
CA GLU B 82 -30.88 5.24 -12.40
C GLU B 82 -31.36 5.59 -13.79
N ASN B 83 -32.07 4.69 -14.45
CA ASN B 83 -32.53 4.96 -15.81
C ASN B 83 -34.01 4.77 -15.95
N HIS B 84 -34.79 5.30 -14.99
CA HIS B 84 -36.25 5.27 -14.96
C HIS B 84 -36.78 3.85 -15.20
N ASN B 85 -36.11 2.86 -14.55
CA ASN B 85 -36.42 1.44 -14.53
C ASN B 85 -36.18 0.69 -15.82
N HIS B 86 -35.20 1.15 -16.60
CA HIS B 86 -34.80 0.48 -17.86
C HIS B 86 -33.31 0.17 -17.82
N ALA B 87 -32.96 -1.10 -17.75
CA ALA B 87 -31.55 -1.51 -17.80
C ALA B 87 -31.00 -1.25 -19.22
N ASN B 88 -31.86 -1.28 -20.27
CA ASN B 88 -31.44 -1.09 -21.66
C ASN B 88 -30.34 -2.13 -21.97
N GLU B 89 -30.68 -3.42 -21.71
CA GLU B 89 -29.75 -4.52 -21.94
C GLU B 89 -29.83 -4.97 -23.40
N ARG B 90 -28.67 -5.27 -23.99
CA ARG B 90 -28.61 -5.78 -25.37
C ARG B 90 -27.63 -6.92 -25.44
N MET B 91 -27.84 -7.83 -26.41
CA MET B 91 -26.90 -8.90 -26.66
C MET B 91 -26.00 -8.39 -27.76
N LEU B 92 -24.71 -8.29 -27.50
CA LEU B 92 -23.74 -7.72 -28.45
C LEU B 92 -22.49 -8.57 -28.53
N PHE B 93 -21.81 -8.46 -29.67
CA PHE B 93 -20.55 -9.19 -29.88
C PHE B 93 -19.35 -8.44 -29.36
N HIS B 94 -18.32 -9.20 -28.94
CA HIS B 94 -17.05 -8.68 -28.53
C HIS B 94 -15.96 -9.58 -29.10
N GLY B 95 -15.00 -8.98 -29.81
CA GLY B 95 -13.86 -9.71 -30.34
C GLY B 95 -12.59 -9.25 -29.64
N SER B 96 -11.76 -10.20 -29.26
CA SER B 96 -10.50 -9.89 -28.58
C SER B 96 -9.60 -11.12 -28.59
N PRO B 97 -8.26 -10.93 -28.62
CA PRO B 97 -7.38 -12.09 -28.41
C PRO B 97 -7.45 -12.62 -26.96
N PHE B 98 -8.07 -11.85 -26.05
CA PHE B 98 -8.14 -12.19 -24.63
C PHE B 98 -9.47 -12.71 -24.12
N VAL B 99 -10.27 -13.33 -25.01
CA VAL B 99 -11.56 -13.88 -24.62
C VAL B 99 -11.52 -14.89 -23.47
N ASN B 100 -10.46 -15.71 -23.38
CA ASN B 100 -10.35 -16.66 -22.29
C ASN B 100 -10.13 -16.01 -20.93
N ALA B 101 -9.36 -14.92 -20.89
CA ALA B 101 -9.19 -14.16 -19.64
C ALA B 101 -10.53 -13.48 -19.25
N ILE B 102 -11.28 -12.97 -20.27
CA ILE B 102 -12.58 -12.31 -20.00
C ILE B 102 -13.58 -13.31 -19.37
N ILE B 103 -13.64 -14.55 -19.89
CA ILE B 103 -14.58 -15.54 -19.34
C ILE B 103 -14.27 -15.88 -17.88
N HIS B 104 -12.99 -15.88 -17.50
CA HIS B 104 -12.61 -16.19 -16.13
C HIS B 104 -12.65 -14.99 -15.19
N LYS B 105 -12.12 -13.85 -15.64
CA LYS B 105 -11.98 -12.66 -14.80
C LYS B 105 -13.01 -11.56 -15.03
N GLY B 106 -13.71 -11.62 -16.15
CA GLY B 106 -14.71 -10.62 -16.53
C GLY B 106 -14.12 -9.51 -17.34
N PHE B 107 -14.96 -8.61 -17.84
CA PHE B 107 -14.48 -7.44 -18.55
C PHE B 107 -13.87 -6.49 -17.50
N ASP B 108 -12.85 -5.75 -17.88
CA ASP B 108 -12.11 -4.92 -16.96
C ASP B 108 -11.76 -3.61 -17.63
N GLU B 109 -12.39 -2.50 -17.21
CA GLU B 109 -12.13 -1.18 -17.78
C GLU B 109 -10.67 -0.73 -17.59
N ARG B 110 -9.93 -1.34 -16.65
CA ARG B 110 -8.51 -1.02 -16.43
C ARG B 110 -7.67 -1.47 -17.66
N HIS B 111 -8.22 -2.36 -18.49
CA HIS B 111 -7.65 -2.80 -19.77
C HIS B 111 -8.49 -2.22 -20.91
N ALA B 112 -9.07 -1.01 -20.71
CA ALA B 112 -9.92 -0.41 -21.75
C ALA B 112 -9.11 -0.13 -23.01
N TYR B 113 -9.82 -0.04 -24.16
CA TYR B 113 -9.17 0.29 -25.43
C TYR B 113 -9.08 1.80 -25.58
N ILE B 114 -7.99 2.36 -25.05
CA ILE B 114 -7.71 3.80 -25.03
C ILE B 114 -7.78 4.47 -26.44
N GLY B 115 -7.30 3.77 -27.47
CA GLY B 115 -7.25 4.28 -28.84
C GLY B 115 -8.57 4.33 -29.58
N GLY B 116 -9.64 3.82 -28.97
CA GLY B 116 -10.96 3.83 -29.58
C GLY B 116 -11.52 5.22 -29.77
N MET B 117 -12.49 5.35 -30.68
CA MET B 117 -13.21 6.56 -31.08
C MET B 117 -13.88 7.27 -29.90
N PHE B 118 -14.30 6.48 -28.89
CA PHE B 118 -14.99 7.01 -27.71
C PHE B 118 -14.14 6.90 -26.43
N GLY B 119 -12.84 6.85 -26.63
CA GLY B 119 -11.92 6.84 -25.51
C GLY B 119 -11.78 5.52 -24.79
N ALA B 120 -11.44 5.61 -23.50
CA ALA B 120 -11.07 4.48 -22.66
C ALA B 120 -12.25 3.62 -22.19
N GLY B 121 -12.88 2.94 -23.14
CA GLY B 121 -14.00 2.06 -22.83
C GLY B 121 -13.81 0.64 -23.33
N ILE B 122 -14.86 -0.17 -23.18
CA ILE B 122 -14.89 -1.58 -23.60
C ILE B 122 -15.92 -1.57 -24.72
N TYR B 123 -15.52 -2.01 -25.91
CA TYR B 123 -16.27 -1.87 -27.15
C TYR B 123 -16.98 -3.12 -27.60
N PHE B 124 -18.23 -2.96 -28.06
CA PHE B 124 -19.08 -4.06 -28.53
C PHE B 124 -19.73 -3.66 -29.85
N ALA B 125 -20.15 -4.67 -30.62
CA ALA B 125 -20.80 -4.42 -31.92
C ALA B 125 -22.09 -5.22 -32.00
N GLU B 126 -23.04 -4.72 -32.79
CA GLU B 126 -24.25 -5.51 -33.06
C GLU B 126 -24.02 -6.38 -34.34
N ASN B 127 -22.89 -6.15 -35.05
CA ASN B 127 -22.54 -6.92 -36.25
C ASN B 127 -21.37 -7.85 -35.93
N SER B 128 -21.60 -9.18 -36.00
CA SER B 128 -20.54 -10.16 -35.66
C SER B 128 -19.25 -9.89 -36.48
N SER B 129 -19.39 -9.53 -37.78
CA SER B 129 -18.21 -9.32 -38.61
C SER B 129 -17.39 -8.08 -38.19
N LYS B 130 -18.04 -7.10 -37.51
CA LYS B 130 -17.28 -5.96 -36.97
C LYS B 130 -16.40 -6.47 -35.82
N SER B 131 -16.98 -7.29 -34.92
CA SER B 131 -16.20 -7.86 -33.81
C SER B 131 -15.11 -8.80 -34.31
N ASN B 132 -15.37 -9.51 -35.42
CA ASN B 132 -14.39 -10.40 -36.03
C ASN B 132 -13.12 -9.63 -36.42
N GLN B 133 -13.23 -8.30 -36.69
CA GLN B 133 -12.07 -7.46 -37.05
C GLN B 133 -11.07 -7.26 -35.90
N TYR B 134 -11.48 -7.64 -34.68
CA TYR B 134 -10.69 -7.44 -33.45
C TYR B 134 -10.17 -8.71 -32.80
N VAL B 135 -10.57 -9.86 -33.32
CA VAL B 135 -10.20 -11.17 -32.78
C VAL B 135 -8.68 -11.36 -32.70
N TYR B 136 -7.94 -10.92 -33.70
CA TYR B 136 -6.48 -11.08 -33.70
C TYR B 136 -5.71 -9.81 -33.29
N GLY B 137 -6.46 -8.82 -32.80
CA GLY B 137 -5.89 -7.55 -32.36
C GLY B 137 -6.51 -6.34 -33.04
N ILE B 138 -6.00 -5.15 -32.71
CA ILE B 138 -6.52 -3.91 -33.33
C ILE B 138 -6.18 -3.94 -34.82
N GLY B 139 -7.20 -3.70 -35.65
CA GLY B 139 -7.08 -3.75 -37.10
C GLY B 139 -6.77 -5.15 -37.59
N GLY B 140 -7.09 -6.16 -36.77
CA GLY B 140 -6.82 -7.57 -37.06
C GLY B 140 -5.40 -8.00 -36.73
N GLY B 141 -4.61 -7.09 -36.14
CA GLY B 141 -3.21 -7.32 -35.79
C GLY B 141 -2.42 -7.84 -36.98
N THR B 142 -1.67 -8.92 -36.75
CA THR B 142 -0.92 -9.60 -37.79
C THR B 142 -1.68 -10.89 -38.21
N GLY B 143 -2.95 -11.00 -37.86
CA GLY B 143 -3.77 -12.16 -38.21
C GLY B 143 -3.51 -13.36 -37.33
N CYS B 144 -3.80 -14.55 -37.83
CA CYS B 144 -3.68 -15.79 -37.06
C CYS B 144 -2.24 -16.05 -36.59
N PRO B 145 -2.04 -16.67 -35.40
CA PRO B 145 -0.66 -16.93 -34.94
C PRO B 145 0.18 -17.84 -35.84
N VAL B 146 -0.45 -18.84 -36.48
CA VAL B 146 0.24 -19.83 -37.32
C VAL B 146 0.66 -19.29 -38.69
N HIS B 147 -0.24 -18.62 -39.42
CA HIS B 147 0.04 -18.17 -40.78
C HIS B 147 0.20 -16.66 -40.97
N LYS B 148 0.01 -15.85 -39.90
CA LYS B 148 0.07 -14.38 -39.95
C LYS B 148 -0.86 -13.86 -41.07
N ASP B 149 -2.07 -14.44 -41.12
CA ASP B 149 -3.03 -14.15 -42.16
C ASP B 149 -4.33 -13.65 -41.53
N ARG B 150 -4.66 -12.36 -41.77
CA ARG B 150 -5.90 -11.78 -41.26
C ARG B 150 -7.13 -12.44 -41.91
N SER B 151 -6.97 -13.04 -43.10
CA SER B 151 -8.08 -13.74 -43.78
C SER B 151 -7.94 -15.25 -43.72
N CYS B 152 -7.26 -15.80 -42.68
CA CYS B 152 -7.07 -17.25 -42.57
C CYS B 152 -8.38 -17.98 -42.53
N TYR B 153 -8.50 -19.03 -43.38
CA TYR B 153 -9.70 -19.87 -43.41
C TYR B 153 -9.46 -21.17 -42.66
N ILE B 154 -8.22 -21.40 -42.23
CA ILE B 154 -7.83 -22.64 -41.55
C ILE B 154 -7.95 -22.52 -40.02
N CYS B 155 -7.30 -21.51 -39.42
CA CYS B 155 -7.29 -21.35 -37.99
C CYS B 155 -8.66 -21.02 -37.39
N HIS B 156 -8.93 -21.59 -36.23
CA HIS B 156 -10.21 -21.39 -35.53
C HIS B 156 -10.17 -20.11 -34.72
N ARG B 157 -11.23 -19.31 -34.82
CA ARG B 157 -11.37 -18.02 -34.15
C ARG B 157 -12.40 -18.14 -33.02
N GLN B 158 -12.40 -17.20 -32.08
CA GLN B 158 -13.39 -17.16 -31.01
C GLN B 158 -13.93 -15.75 -30.85
N LEU B 159 -15.24 -15.60 -30.68
CA LEU B 159 -15.93 -14.32 -30.42
C LEU B 159 -16.79 -14.55 -29.17
N LEU B 160 -17.11 -13.48 -28.44
CA LEU B 160 -18.05 -13.57 -27.33
C LEU B 160 -19.37 -12.92 -27.75
N PHE B 161 -20.49 -13.49 -27.33
CA PHE B 161 -21.82 -12.86 -27.54
C PHE B 161 -22.28 -12.59 -26.11
N CYS B 162 -22.34 -11.28 -25.77
CA CYS B 162 -22.44 -10.78 -24.41
C CYS B 162 -23.72 -10.12 -24.06
N ARG B 163 -24.06 -10.17 -22.77
CA ARG B 163 -25.17 -9.38 -22.23
C ARG B 163 -24.54 -8.06 -21.86
N VAL B 164 -25.05 -6.94 -22.39
CA VAL B 164 -24.42 -5.64 -22.11
C VAL B 164 -25.49 -4.68 -21.59
N THR B 165 -25.26 -4.11 -20.43
CA THR B 165 -26.17 -3.12 -19.84
C THR B 165 -25.75 -1.75 -20.36
N LEU B 166 -26.59 -1.11 -21.20
CA LEU B 166 -26.27 0.22 -21.77
C LEU B 166 -26.85 1.36 -20.93
N GLY B 167 -27.92 1.09 -20.19
CA GLY B 167 -28.63 2.10 -19.41
C GLY B 167 -28.98 3.30 -20.25
N LYS B 168 -28.74 4.53 -19.70
CA LYS B 168 -28.98 5.75 -20.46
C LYS B 168 -27.75 5.93 -21.33
N SER B 169 -27.91 5.69 -22.62
CA SER B 169 -26.78 5.67 -23.56
C SER B 169 -26.64 6.98 -24.28
N PHE B 170 -25.45 7.55 -24.19
CA PHE B 170 -25.15 8.85 -24.80
C PHE B 170 -24.87 8.62 -26.29
N LEU B 171 -25.72 9.16 -27.15
CA LEU B 171 -25.57 8.97 -28.60
C LEU B 171 -24.54 9.90 -29.18
N GLN B 172 -23.63 9.37 -30.01
CA GLN B 172 -22.61 10.20 -30.66
C GLN B 172 -22.43 9.78 -32.09
N PHE B 173 -22.18 10.74 -32.98
CA PHE B 173 -21.96 10.46 -34.39
C PHE B 173 -20.48 10.51 -34.74
N SER B 174 -19.71 11.31 -34.01
CA SER B 174 -18.27 11.53 -34.25
C SER B 174 -17.46 11.21 -33.01
N ALA B 175 -16.09 11.19 -33.15
CA ALA B 175 -15.13 10.90 -32.08
C ALA B 175 -15.33 11.78 -30.85
N MET B 176 -15.26 11.20 -29.65
CA MET B 176 -15.45 11.91 -28.39
C MET B 176 -14.69 11.06 -27.36
N LYS B 177 -13.44 11.42 -27.09
CA LYS B 177 -12.55 10.67 -26.19
C LYS B 177 -12.95 10.88 -24.72
N MET B 178 -13.69 9.91 -24.18
CA MET B 178 -14.18 9.93 -22.80
C MET B 178 -13.20 9.09 -21.94
N ALA B 179 -13.13 9.35 -20.64
CA ALA B 179 -12.48 8.45 -19.68
C ALA B 179 -13.61 7.58 -19.06
N HIS B 180 -14.79 8.18 -18.85
CA HIS B 180 -15.95 7.53 -18.19
C HIS B 180 -17.21 7.87 -18.96
N SER B 181 -18.35 7.28 -18.57
CA SER B 181 -19.60 7.64 -19.22
C SER B 181 -19.85 9.14 -19.02
N PRO B 182 -20.49 9.82 -19.97
CA PRO B 182 -20.84 11.23 -19.72
C PRO B 182 -21.72 11.36 -18.47
N PRO B 183 -21.69 12.51 -17.77
CA PRO B 183 -22.56 12.68 -16.60
C PRO B 183 -24.01 12.24 -16.84
N GLY B 184 -24.57 11.53 -15.87
CA GLY B 184 -25.93 11.00 -15.93
C GLY B 184 -26.17 9.85 -16.91
N HIS B 185 -25.11 9.37 -17.59
CA HIS B 185 -25.23 8.28 -18.58
C HIS B 185 -24.48 7.03 -18.13
N HIS B 186 -24.74 5.87 -18.81
CA HIS B 186 -24.14 4.59 -18.41
C HIS B 186 -23.33 3.96 -19.54
N SER B 187 -23.36 4.57 -20.72
CA SER B 187 -22.66 4.06 -21.90
C SER B 187 -22.67 5.10 -22.98
N VAL B 188 -21.96 4.81 -24.07
CA VAL B 188 -21.91 5.63 -25.28
C VAL B 188 -22.29 4.73 -26.44
N THR B 189 -23.16 5.22 -27.33
CA THR B 189 -23.56 4.55 -28.57
C THR B 189 -23.03 5.36 -29.72
N GLY B 190 -22.16 4.75 -30.51
CA GLY B 190 -21.69 5.34 -31.76
C GLY B 190 -22.69 4.98 -32.84
N ARG B 191 -23.43 5.97 -33.37
CA ARG B 191 -24.43 5.66 -34.39
C ARG B 191 -23.88 5.86 -35.80
N PRO B 192 -24.27 5.02 -36.79
CA PRO B 192 -23.79 5.23 -38.17
C PRO B 192 -24.27 6.56 -38.75
N SER B 193 -23.39 7.19 -39.55
CA SER B 193 -23.66 8.46 -40.23
C SER B 193 -22.81 8.59 -41.48
N VAL B 194 -23.39 9.23 -42.54
CA VAL B 194 -22.69 9.54 -43.80
C VAL B 194 -21.54 10.47 -43.36
N ASN B 195 -20.29 10.06 -43.66
CA ASN B 195 -19.03 10.72 -43.26
C ASN B 195 -18.51 10.32 -41.87
N GLY B 196 -19.29 9.51 -41.14
CA GLY B 196 -18.90 8.96 -39.84
C GLY B 196 -18.87 7.44 -39.91
N LEU B 197 -19.30 6.77 -38.82
CA LEU B 197 -19.33 5.30 -38.69
C LEU B 197 -20.17 4.62 -39.75
N ALA B 198 -19.70 3.47 -40.23
CA ALA B 198 -20.42 2.67 -41.21
C ALA B 198 -21.41 1.81 -40.45
N LEU B 199 -21.01 1.35 -39.25
CA LEU B 199 -21.79 0.44 -38.40
C LEU B 199 -21.73 0.93 -36.96
N ALA B 200 -22.74 0.58 -36.18
CA ALA B 200 -22.82 0.98 -34.79
C ALA B 200 -21.72 0.36 -33.95
N GLU B 201 -21.47 1.01 -32.82
CA GLU B 201 -20.65 0.46 -31.78
C GLU B 201 -21.15 0.95 -30.44
N TYR B 202 -20.93 0.14 -29.41
CA TYR B 202 -21.44 0.41 -28.07
C TYR B 202 -20.30 0.32 -27.10
N VAL B 203 -20.21 1.32 -26.21
CA VAL B 203 -19.07 1.42 -25.29
C VAL B 203 -19.54 1.55 -23.85
N ILE B 204 -18.92 0.75 -22.99
CA ILE B 204 -19.14 0.83 -21.54
C ILE B 204 -17.79 1.19 -20.89
N TYR B 205 -17.85 1.82 -19.71
CA TYR B 205 -16.65 2.30 -19.07
C TYR B 205 -16.50 1.66 -17.70
N ARG B 206 -17.32 0.61 -17.43
CA ARG B 206 -17.27 -0.19 -16.18
C ARG B 206 -17.40 -1.63 -16.62
N GLY B 207 -16.40 -2.43 -16.29
CA GLY B 207 -16.38 -3.84 -16.68
C GLY B 207 -17.57 -4.66 -16.21
N GLU B 208 -18.17 -4.30 -15.07
CA GLU B 208 -19.34 -5.01 -14.53
C GLU B 208 -20.63 -4.81 -15.33
N GLN B 209 -20.62 -3.95 -16.37
CA GLN B 209 -21.81 -3.72 -17.21
C GLN B 209 -21.91 -4.69 -18.39
N ALA B 210 -21.07 -5.73 -18.41
CA ALA B 210 -21.20 -6.76 -19.44
C ALA B 210 -20.93 -8.12 -18.82
N TYR B 211 -21.57 -9.14 -19.40
CA TYR B 211 -21.41 -10.52 -18.98
C TYR B 211 -21.11 -11.34 -20.25
N PRO B 212 -20.00 -12.12 -20.27
CA PRO B 212 -19.65 -12.91 -21.49
C PRO B 212 -20.46 -14.19 -21.55
N GLU B 213 -21.69 -14.11 -22.03
CA GLU B 213 -22.65 -15.22 -22.00
C GLU B 213 -22.37 -16.40 -22.91
N TYR B 214 -21.92 -16.15 -24.14
CA TYR B 214 -21.64 -17.26 -25.07
C TYR B 214 -20.28 -17.12 -25.67
N LEU B 215 -19.55 -18.22 -25.77
CA LEU B 215 -18.25 -18.28 -26.42
C LEU B 215 -18.50 -19.01 -27.74
N ILE B 216 -18.21 -18.33 -28.87
CA ILE B 216 -18.43 -18.90 -30.19
C ILE B 216 -17.10 -19.25 -30.84
N THR B 217 -16.89 -20.52 -31.19
CA THR B 217 -15.67 -20.96 -31.90
C THR B 217 -16.09 -21.13 -33.35
N TYR B 218 -15.34 -20.52 -34.28
CA TYR B 218 -15.73 -20.56 -35.68
C TYR B 218 -14.55 -20.34 -36.64
N GLN B 219 -14.84 -20.50 -37.94
CA GLN B 219 -13.91 -20.11 -38.98
C GLN B 219 -14.65 -19.15 -39.90
N ILE B 220 -13.93 -18.23 -40.55
CA ILE B 220 -14.57 -17.47 -41.62
C ILE B 220 -14.50 -18.45 -42.82
N MET B 221 -15.47 -18.38 -43.74
CA MET B 221 -15.47 -19.26 -44.90
C MET B 221 -15.12 -18.57 -46.18
N ARG B 222 -14.34 -19.26 -47.02
CA ARG B 222 -13.96 -18.71 -48.31
C ARG B 222 -15.24 -18.52 -49.15
N PRO B 223 -15.49 -17.32 -49.72
CA PRO B 223 -16.71 -17.13 -50.53
C PRO B 223 -16.79 -18.13 -51.69
N GLU B 224 -18.01 -18.64 -51.94
CA GLU B 224 -18.21 -19.65 -52.99
C GLU B 224 -18.55 -19.00 -54.32
N LEU C 17 9.14 -30.35 13.54
CA LEU C 17 8.56 -29.07 13.06
C LEU C 17 8.01 -29.12 11.64
N TYR C 18 8.43 -30.11 10.82
CA TYR C 18 8.07 -30.20 9.39
C TYR C 18 6.97 -31.22 9.17
N PHE C 19 5.87 -30.81 8.54
CA PHE C 19 4.74 -31.70 8.25
C PHE C 19 4.50 -31.81 6.77
N GLN C 20 4.64 -33.05 6.24
CA GLN C 20 4.42 -33.41 4.84
C GLN C 20 3.05 -32.89 4.37
N GLY C 21 3.08 -32.13 3.29
CA GLY C 21 1.89 -31.52 2.72
C GLY C 21 1.08 -32.50 1.90
N SER C 22 -0.24 -32.52 2.15
CA SER C 22 -1.22 -33.37 1.47
C SER C 22 -1.35 -32.84 0.01
N PRO C 23 -0.68 -33.49 -0.99
CA PRO C 23 -0.70 -32.95 -2.38
C PRO C 23 -2.05 -32.86 -3.10
N ASP C 24 -3.09 -33.49 -2.53
CA ASP C 24 -4.44 -33.49 -3.11
C ASP C 24 -5.31 -32.35 -2.57
N ASP C 25 -4.92 -31.74 -1.43
CA ASP C 25 -5.69 -30.64 -0.86
C ASP C 25 -5.48 -29.29 -1.53
N LYS C 26 -6.49 -28.42 -1.40
CA LYS C 26 -6.50 -27.09 -2.01
C LYS C 26 -5.36 -26.23 -1.52
N GLU C 27 -4.96 -26.41 -0.24
CA GLU C 27 -3.90 -25.69 0.45
C GLU C 27 -2.53 -25.82 -0.25
N PHE C 28 -2.08 -27.07 -0.52
N PHE C 28 -2.09 -27.05 -0.52
CA PHE C 28 -0.84 -27.42 -1.22
CA PHE C 28 -0.80 -27.28 -1.15
C PHE C 28 -0.87 -26.89 -2.64
C PHE C 28 -0.79 -27.07 -2.69
N GLN C 29 -1.97 -27.19 -3.37
CA GLN C 29 -2.14 -26.84 -4.79
C GLN C 29 -2.05 -25.30 -4.92
N SER C 30 -2.61 -24.57 -3.94
CA SER C 30 -2.60 -23.11 -3.88
C SER C 30 -1.14 -22.60 -3.81
N VAL C 31 -0.33 -23.25 -2.98
CA VAL C 31 1.10 -22.88 -2.82
C VAL C 31 1.85 -23.16 -4.12
N GLU C 32 1.65 -24.37 -4.72
CA GLU C 32 2.31 -24.69 -5.99
C GLU C 32 1.91 -23.66 -7.07
N GLU C 33 0.62 -23.31 -7.14
CA GLU C 33 0.13 -22.33 -8.13
C GLU C 33 0.78 -20.93 -7.94
N GLU C 34 0.95 -20.50 -6.68
CA GLU C 34 1.59 -19.20 -6.42
C GLU C 34 3.06 -19.25 -6.82
N MET C 35 3.71 -20.37 -6.53
CA MET C 35 5.10 -20.59 -6.89
C MET C 35 5.28 -20.49 -8.42
N GLN C 36 4.46 -21.24 -9.19
CA GLN C 36 4.55 -21.27 -10.64
C GLN C 36 4.09 -19.98 -11.33
N SER C 37 2.92 -19.45 -10.94
CA SER C 37 2.31 -18.30 -11.62
C SER C 37 3.04 -16.96 -11.45
N THR C 38 3.89 -16.86 -10.42
CA THR C 38 4.59 -15.60 -10.15
C THR C 38 5.99 -15.53 -10.75
N VAL C 39 6.40 -16.55 -11.51
CA VAL C 39 7.71 -16.53 -12.19
C VAL C 39 7.70 -15.40 -13.21
N ARG C 40 8.82 -14.66 -13.31
CA ARG C 40 8.96 -13.58 -14.30
C ARG C 40 10.31 -13.73 -14.99
N GLU C 41 10.48 -13.02 -16.12
CA GLU C 41 11.73 -12.96 -16.87
C GLU C 41 12.58 -11.91 -16.15
N HIS C 42 13.79 -12.26 -15.75
CA HIS C 42 14.64 -11.35 -15.00
C HIS C 42 15.56 -10.52 -15.89
N ARG C 43 15.78 -9.24 -15.53
CA ARG C 43 16.62 -8.28 -16.27
C ARG C 43 18.06 -8.82 -16.45
N ASP C 44 18.56 -9.59 -15.46
CA ASP C 44 19.92 -10.13 -15.50
C ASP C 44 20.11 -11.33 -16.46
N GLY C 45 19.05 -11.68 -17.21
CA GLY C 45 19.06 -12.78 -18.19
C GLY C 45 19.27 -14.15 -17.56
N GLY C 46 18.97 -14.28 -16.27
CA GLY C 46 19.12 -15.53 -15.53
C GLY C 46 20.45 -15.68 -14.82
N HIS C 47 21.27 -14.61 -14.79
CA HIS C 47 22.58 -14.65 -14.15
C HIS C 47 22.54 -15.15 -12.71
N ALA C 48 21.74 -14.53 -11.86
CA ALA C 48 21.64 -14.87 -10.44
C ALA C 48 20.91 -16.19 -10.15
N GLY C 49 19.72 -16.36 -10.72
CA GLY C 49 18.85 -17.50 -10.40
C GLY C 49 18.75 -18.65 -11.37
N GLY C 50 19.32 -18.50 -12.55
CA GLY C 50 19.25 -19.50 -13.60
C GLY C 50 18.23 -19.18 -14.69
N ILE C 51 18.23 -19.97 -15.76
CA ILE C 51 17.32 -19.80 -16.91
C ILE C 51 16.21 -20.84 -16.82
N PHE C 52 14.96 -20.37 -16.71
CA PHE C 52 13.79 -21.23 -16.55
C PHE C 52 12.51 -20.41 -16.68
N ASN C 53 11.41 -21.10 -17.05
CA ASN C 53 10.08 -20.52 -17.15
C ASN C 53 9.22 -21.13 -16.03
N ARG C 54 9.61 -22.30 -15.55
CA ARG C 54 8.83 -23.00 -14.51
C ARG C 54 9.71 -23.84 -13.62
N TYR C 55 9.10 -24.41 -12.55
CA TYR C 55 9.79 -25.27 -11.61
C TYR C 55 9.25 -26.67 -11.66
N ASN C 56 10.03 -27.62 -11.14
CA ASN C 56 9.55 -28.95 -10.83
C ASN C 56 9.41 -28.88 -9.30
N ILE C 57 8.19 -28.79 -8.79
CA ILE C 57 7.94 -28.73 -7.34
C ILE C 57 7.98 -30.15 -6.77
N LEU C 58 8.93 -30.40 -5.87
CA LEU C 58 9.14 -31.73 -5.33
C LEU C 58 8.39 -32.02 -4.06
N LYS C 59 8.38 -31.07 -3.14
CA LYS C 59 7.78 -31.24 -1.82
C LYS C 59 7.37 -29.88 -1.30
N ILE C 60 6.27 -29.85 -0.54
CA ILE C 60 5.81 -28.65 0.16
C ILE C 60 5.53 -29.13 1.59
N GLN C 61 6.25 -28.56 2.55
CA GLN C 61 6.09 -28.94 3.95
C GLN C 61 5.56 -27.76 4.71
N LYS C 62 4.59 -28.00 5.59
CA LYS C 62 4.05 -26.95 6.44
C LYS C 62 4.90 -26.91 7.70
N VAL C 63 5.30 -25.69 8.11
CA VAL C 63 6.14 -25.49 9.30
C VAL C 63 5.24 -25.20 10.48
N CYS C 64 5.42 -25.99 11.55
CA CYS C 64 4.59 -25.83 12.77
C CYS C 64 5.52 -25.58 13.94
N ASN C 65 5.80 -24.30 14.20
CA ASN C 65 6.71 -23.94 15.29
C ASN C 65 5.93 -23.03 16.21
N LYS C 66 5.41 -23.59 17.32
CA LYS C 66 4.54 -22.88 18.26
C LYS C 66 5.10 -21.57 18.76
N LYS C 67 6.37 -21.55 19.21
CA LYS C 67 7.00 -20.34 19.73
C LYS C 67 7.03 -19.23 18.68
N LEU C 68 7.40 -19.56 17.42
CA LEU C 68 7.44 -18.58 16.35
C LEU C 68 6.06 -18.13 15.99
N TRP C 69 5.09 -19.05 15.99
CA TRP C 69 3.69 -18.71 15.66
C TRP C 69 3.11 -17.72 16.68
N GLU C 70 3.34 -17.97 17.96
CA GLU C 70 2.85 -17.07 19.00
C GLU C 70 3.48 -15.69 18.95
N ARG C 71 4.78 -15.64 18.67
CA ARG C 71 5.52 -14.37 18.53
C ARG C 71 4.92 -13.61 17.36
N TYR C 72 4.65 -14.33 16.23
CA TYR C 72 4.06 -13.74 15.03
C TYR C 72 2.65 -13.20 15.29
N THR C 73 1.75 -14.03 15.85
CA THR C 73 0.37 -13.59 16.09
C THR C 73 0.28 -12.45 17.10
N HIS C 74 1.18 -12.45 18.09
CA HIS C 74 1.20 -11.36 19.07
C HIS C 74 1.51 -10.02 18.38
N ARG C 75 2.54 -10.02 17.52
CA ARG C 75 2.94 -8.82 16.79
C ARG C 75 1.84 -8.43 15.77
N ARG C 76 1.24 -9.42 15.11
CA ARG C 76 0.19 -9.19 14.12
C ARG C 76 -0.98 -8.42 14.73
N LYS C 77 -1.37 -8.80 15.95
CA LYS C 77 -2.45 -8.12 16.67
C LYS C 77 -2.09 -6.66 16.97
N GLU C 78 -0.84 -6.40 17.41
CA GLU C 78 -0.33 -5.04 17.72
C GLU C 78 -0.33 -4.18 16.47
N VAL C 79 0.19 -4.73 15.35
CA VAL C 79 0.20 -3.98 14.09
C VAL C 79 -1.23 -3.63 13.67
N SER C 80 -2.11 -4.62 13.75
CA SER C 80 -3.51 -4.44 13.35
C SER C 80 -4.14 -3.28 14.11
N GLU C 81 -3.92 -3.24 15.44
CA GLU C 81 -4.44 -2.18 16.34
C GLU C 81 -3.91 -0.80 16.00
N GLU C 82 -2.67 -0.74 15.48
CA GLU C 82 -2.01 0.50 15.04
C GLU C 82 -2.35 0.85 13.59
N ASN C 83 -3.11 0.00 12.92
CA ASN C 83 -3.41 0.22 11.54
C ASN C 83 -4.90 0.09 11.22
N HIS C 84 -5.72 0.70 12.09
CA HIS C 84 -7.17 0.74 12.00
C HIS C 84 -7.79 -0.64 11.78
N ASN C 85 -7.32 -1.61 12.60
CA ASN C 85 -7.78 -2.98 12.68
C ASN C 85 -7.52 -3.85 11.46
N HIS C 86 -6.45 -3.52 10.70
CA HIS C 86 -6.04 -4.36 9.57
C HIS C 86 -4.56 -4.60 9.61
N ALA C 87 -4.19 -5.87 9.61
CA ALA C 87 -2.79 -6.27 9.70
C ALA C 87 -2.07 -6.17 8.36
N ASN C 88 -2.83 -6.18 7.22
CA ASN C 88 -2.23 -6.15 5.89
C ASN C 88 -1.23 -7.33 5.76
N GLU C 89 -1.72 -8.54 6.05
CA GLU C 89 -0.95 -9.75 5.93
C GLU C 89 -0.94 -10.26 4.48
N ARG C 90 0.25 -10.66 4.00
CA ARG C 90 0.42 -11.22 2.68
C ARG C 90 1.28 -12.47 2.77
N MET C 91 1.07 -13.40 1.83
CA MET C 91 1.91 -14.56 1.72
C MET C 91 3.00 -14.18 0.71
N LEU C 92 4.24 -14.22 1.12
CA LEU C 92 5.37 -13.81 0.27
C LEU C 92 6.51 -14.80 0.35
N PHE C 93 7.32 -14.80 -0.70
CA PHE C 93 8.48 -15.70 -0.77
C PHE C 93 9.73 -15.10 -0.12
N HIS C 94 10.59 -15.99 0.39
CA HIS C 94 11.87 -15.62 0.96
C HIS C 94 12.86 -16.68 0.54
N GLY C 95 13.94 -16.26 -0.11
CA GLY C 95 15.00 -17.18 -0.52
C GLY C 95 16.25 -16.89 0.29
N SER C 96 16.93 -17.95 0.76
CA SER C 96 18.12 -17.79 1.57
C SER C 96 18.85 -19.11 1.69
N PRO C 97 20.19 -19.09 1.80
CA PRO C 97 20.92 -20.33 2.15
C PRO C 97 20.64 -20.76 3.61
N PHE C 98 19.99 -19.90 4.41
CA PHE C 98 19.73 -20.16 5.82
C PHE C 98 18.29 -20.52 6.19
N VAL C 99 17.54 -21.05 5.24
CA VAL C 99 16.14 -21.42 5.48
C VAL C 99 15.92 -22.38 6.66
N ASN C 100 16.83 -23.35 6.85
CA ASN C 100 16.68 -24.27 7.96
C ASN C 100 16.87 -23.60 9.32
N ALA C 101 17.78 -22.62 9.44
CA ALA C 101 17.94 -21.84 10.67
C ALA C 101 16.67 -20.95 10.91
N ILE C 102 16.10 -20.38 9.84
CA ILE C 102 14.88 -19.57 9.92
C ILE C 102 13.70 -20.39 10.46
N ILE C 103 13.55 -21.64 9.99
CA ILE C 103 12.43 -22.47 10.45
C ILE C 103 12.55 -22.80 11.95
N HIS C 104 13.77 -22.92 12.47
CA HIS C 104 13.99 -23.24 13.88
C HIS C 104 13.99 -22.00 14.77
N LYS C 105 14.71 -20.96 14.35
CA LYS C 105 14.90 -19.75 15.17
C LYS C 105 14.05 -18.55 14.78
N GLY C 106 13.47 -18.58 13.58
CA GLY C 106 12.66 -17.49 13.08
C GLY C 106 13.47 -16.46 12.34
N PHE C 107 12.77 -15.47 11.75
CA PHE C 107 13.45 -14.37 11.10
C PHE C 107 14.02 -13.50 12.24
N ASP C 108 15.16 -12.86 12.00
CA ASP C 108 15.82 -12.11 13.04
C ASP C 108 16.42 -10.85 12.43
N GLU C 109 15.89 -9.66 12.80
CA GLU C 109 16.38 -8.39 12.26
C GLU C 109 17.83 -8.12 12.68
N ARG C 110 18.34 -8.81 13.72
CA ARG C 110 19.73 -8.68 14.16
C ARG C 110 20.70 -9.20 13.10
N HIS C 111 20.18 -10.02 12.16
CA HIS C 111 20.90 -10.56 10.99
C HIS C 111 20.25 -9.95 9.73
N ALA C 112 19.75 -8.70 9.81
CA ALA C 112 19.07 -8.09 8.67
C ALA C 112 20.03 -7.95 7.50
N TYR C 113 19.48 -7.85 6.28
CA TYR C 113 20.29 -7.66 5.09
C TYR C 113 20.64 -6.15 4.96
N ILE C 114 21.69 -5.71 5.69
CA ILE C 114 22.16 -4.29 5.73
C ILE C 114 22.38 -3.71 4.32
N GLY C 115 22.90 -4.53 3.39
CA GLY C 115 23.20 -4.12 2.02
C GLY C 115 22.01 -3.90 1.10
N GLY C 116 20.80 -4.15 1.59
CA GLY C 116 19.60 -3.96 0.81
C GLY C 116 19.32 -2.51 0.44
N MET C 117 18.52 -2.36 -0.61
CA MET C 117 18.08 -1.08 -1.14
C MET C 117 17.33 -0.25 -0.08
N PHE C 118 16.66 -0.93 0.85
CA PHE C 118 15.86 -0.29 1.90
C PHE C 118 16.46 -0.44 3.29
N GLY C 119 17.77 -0.65 3.32
CA GLY C 119 18.51 -0.75 4.57
C GLY C 119 18.36 -2.07 5.30
N ALA C 120 18.49 -1.97 6.63
CA ALA C 120 18.60 -3.11 7.54
C ALA C 120 17.31 -3.82 7.83
N GLY C 121 16.75 -4.42 6.80
CA GLY C 121 15.50 -5.15 6.93
C GLY C 121 15.58 -6.60 6.50
N ILE C 122 14.40 -7.25 6.52
CA ILE C 122 14.24 -8.64 6.09
C ILE C 122 13.39 -8.56 4.83
N TYR C 123 13.92 -9.10 3.71
CA TYR C 123 13.33 -8.89 2.38
C TYR C 123 12.52 -10.06 1.87
N PHE C 124 11.38 -9.76 1.23
CA PHE C 124 10.47 -10.76 0.65
C PHE C 124 10.06 -10.34 -0.75
N ALA C 125 9.64 -11.29 -1.56
CA ALA C 125 9.15 -10.99 -2.90
C ALA C 125 7.77 -11.60 -3.11
N GLU C 126 6.96 -10.98 -3.99
CA GLU C 126 5.71 -11.61 -4.38
C GLU C 126 5.99 -12.49 -5.60
N ASN C 127 7.19 -12.41 -6.21
CA ASN C 127 7.54 -13.25 -7.38
C ASN C 127 8.52 -14.32 -6.92
N SER C 128 8.10 -15.60 -6.99
CA SER C 128 8.96 -16.69 -6.54
C SER C 128 10.35 -16.65 -7.22
N SER C 129 10.41 -16.32 -8.53
CA SER C 129 11.68 -16.27 -9.26
C SER C 129 12.64 -15.15 -8.76
N LYS C 130 12.09 -14.11 -8.14
CA LYS C 130 12.96 -13.11 -7.53
C LYS C 130 13.61 -13.73 -6.28
N SER C 131 12.81 -14.39 -5.42
CA SER C 131 13.37 -15.03 -4.23
C SER C 131 14.34 -16.16 -4.61
N ASN C 132 14.10 -16.82 -5.74
CA ASN C 132 15.00 -17.88 -6.25
C ASN C 132 16.42 -17.35 -6.50
N GLN C 133 16.57 -16.04 -6.81
CA GLN C 133 17.87 -15.40 -7.04
C GLN C 133 18.74 -15.32 -5.77
N TYR C 134 18.15 -15.56 -4.59
CA TYR C 134 18.83 -15.46 -3.30
C TYR C 134 19.08 -16.79 -2.61
N VAL C 135 18.57 -17.90 -3.15
CA VAL C 135 18.70 -19.22 -2.54
C VAL C 135 20.15 -19.66 -2.29
N TYR C 136 21.04 -19.34 -3.23
CA TYR C 136 22.44 -19.71 -3.07
C TYR C 136 23.32 -18.54 -2.62
N GLY C 137 22.70 -17.44 -2.21
CA GLY C 137 23.41 -16.25 -1.75
C GLY C 137 23.08 -15.00 -2.53
N ILE C 138 23.71 -13.88 -2.16
CA ILE C 138 23.48 -12.60 -2.86
C ILE C 138 23.94 -12.74 -4.31
N GLY C 139 23.05 -12.39 -5.22
CA GLY C 139 23.32 -12.52 -6.65
C GLY C 139 23.48 -13.97 -7.09
N GLY C 140 22.91 -14.90 -6.29
CA GLY C 140 23.01 -16.33 -6.53
C GLY C 140 24.30 -16.96 -6.03
N GLY C 141 25.15 -16.15 -5.39
CA GLY C 141 26.46 -16.59 -4.90
C GLY C 141 27.27 -17.29 -5.97
N THR C 142 27.80 -18.48 -5.66
CA THR C 142 28.53 -19.33 -6.63
C THR C 142 27.65 -20.47 -7.13
N GLY C 143 26.36 -20.39 -6.85
CA GLY C 143 25.43 -21.41 -7.30
C GLY C 143 25.39 -22.60 -6.38
N CYS C 144 24.87 -23.71 -6.89
CA CYS C 144 24.72 -24.93 -6.10
C CYS C 144 26.05 -25.39 -5.48
N PRO C 145 26.05 -25.96 -4.25
CA PRO C 145 27.31 -26.43 -3.66
C PRO C 145 28.03 -27.54 -4.45
N VAL C 146 27.28 -28.43 -5.12
CA VAL C 146 27.85 -29.57 -5.88
C VAL C 146 28.49 -29.18 -7.20
N HIS C 147 27.80 -28.39 -8.03
CA HIS C 147 28.30 -28.05 -9.37
C HIS C 147 28.75 -26.60 -9.57
N LYS C 148 28.60 -25.72 -8.54
CA LYS C 148 28.93 -24.29 -8.59
C LYS C 148 28.22 -23.65 -9.80
N ASP C 149 26.94 -24.01 -9.98
CA ASP C 149 26.16 -23.58 -11.13
C ASP C 149 24.91 -22.85 -10.63
N ARG C 150 24.82 -21.54 -10.93
CA ARG C 150 23.66 -20.74 -10.53
C ARG C 150 22.41 -21.19 -11.28
N SER C 151 22.57 -21.85 -12.46
CA SER C 151 21.47 -22.34 -13.25
C SER C 151 21.34 -23.87 -13.16
N CYS C 152 21.79 -24.49 -12.06
CA CYS C 152 21.71 -25.95 -11.92
C CYS C 152 20.30 -26.44 -12.01
N TYR C 153 20.07 -27.46 -12.87
CA TYR C 153 18.76 -28.08 -13.03
C TYR C 153 18.69 -29.39 -12.25
N ILE C 154 19.81 -29.80 -11.67
CA ILE C 154 19.91 -31.08 -10.96
C ILE C 154 19.66 -30.94 -9.47
N CYS C 155 20.40 -30.02 -8.81
CA CYS C 155 20.30 -29.84 -7.38
C CYS C 155 18.96 -29.30 -6.92
N HIS C 156 18.50 -29.82 -5.78
CA HIS C 156 17.23 -29.41 -5.20
C HIS C 156 17.41 -28.13 -4.39
N ARG C 157 16.52 -27.17 -4.64
CA ARG C 157 16.53 -25.84 -4.00
C ARG C 157 15.39 -25.77 -2.99
N GLN C 158 15.47 -24.81 -2.08
CA GLN C 158 14.40 -24.60 -1.11
C GLN C 158 14.09 -23.11 -1.01
N LEU C 159 12.79 -22.76 -0.98
CA LEU C 159 12.30 -21.40 -0.80
C LEU C 159 11.31 -21.48 0.38
N LEU C 160 11.11 -20.36 1.09
CA LEU C 160 10.05 -20.29 2.10
C LEU C 160 8.90 -19.46 1.55
N PHE C 161 7.66 -19.87 1.86
CA PHE C 161 6.48 -19.12 1.50
C PHE C 161 5.91 -18.75 2.88
N CYS C 162 5.98 -17.44 3.18
CA CYS C 162 5.80 -16.87 4.50
C CYS C 162 4.60 -16.03 4.69
N ARG C 163 4.09 -16.01 5.91
CA ARG C 163 3.03 -15.08 6.31
C ARG C 163 3.80 -13.81 6.72
N VAL C 164 3.49 -12.66 6.08
CA VAL C 164 4.22 -11.43 6.41
C VAL C 164 3.20 -10.34 6.78
N THR C 165 3.36 -9.76 7.93
CA THR C 165 2.52 -8.63 8.37
C THR C 165 3.16 -7.33 7.83
N LEU C 166 2.48 -6.65 6.92
CA LEU C 166 3.01 -5.41 6.34
C LEU C 166 2.49 -4.16 7.04
N GLY C 167 1.31 -4.27 7.69
CA GLY C 167 0.62 -3.12 8.31
C GLY C 167 0.52 -1.95 7.33
N LYS C 168 0.83 -0.73 7.80
CA LYS C 168 0.83 0.46 6.94
C LYS C 168 2.20 0.43 6.26
N SER C 169 2.21 0.10 4.96
CA SER C 169 3.46 -0.07 4.22
C SER C 169 3.85 1.19 3.47
N PHE C 170 5.06 1.64 3.68
CA PHE C 170 5.59 2.84 3.07
C PHE C 170 6.01 2.50 1.63
N LEU C 171 5.28 3.10 0.64
CA LEU C 171 5.57 2.83 -0.77
C LEU C 171 6.74 3.68 -1.22
N GLN C 172 7.71 3.06 -1.92
CA GLN C 172 8.93 3.76 -2.35
C GLN C 172 9.53 3.18 -3.66
N PHE C 173 10.18 4.04 -4.48
CA PHE C 173 10.85 3.57 -5.70
C PHE C 173 12.35 3.48 -5.54
N SER C 174 12.94 4.51 -4.95
CA SER C 174 14.39 4.57 -4.91
C SER C 174 14.99 4.15 -3.58
N ALA C 175 16.29 3.87 -3.58
CA ALA C 175 17.03 3.47 -2.39
C ALA C 175 16.74 4.41 -1.22
N MET C 176 16.50 3.83 -0.05
CA MET C 176 16.16 4.58 1.17
C MET C 176 16.65 3.71 2.29
N LYS C 177 17.89 3.93 2.75
CA LYS C 177 18.55 3.09 3.77
C LYS C 177 17.97 3.37 5.15
N MET C 178 16.98 2.56 5.55
CA MET C 178 16.28 2.67 6.83
C MET C 178 16.98 1.74 7.86
N ALA C 179 16.91 2.07 9.17
CA ALA C 179 17.31 1.10 10.19
C ALA C 179 16.00 0.40 10.65
N HIS C 180 14.87 1.15 10.65
CA HIS C 180 13.56 0.70 11.14
C HIS C 180 12.48 1.17 10.16
N SER C 181 11.25 0.74 10.36
CA SER C 181 10.15 1.20 9.51
C SER C 181 10.07 2.72 9.60
N PRO C 182 9.68 3.42 8.51
CA PRO C 182 9.48 4.87 8.62
C PRO C 182 8.46 5.19 9.74
N PRO C 183 8.56 6.36 10.41
CA PRO C 183 7.55 6.70 11.44
C PRO C 183 6.11 6.47 10.97
N GLY C 184 5.30 5.91 11.84
CA GLY C 184 3.89 5.60 11.58
C GLY C 184 3.63 4.44 10.63
N HIS C 185 4.71 3.74 10.16
CA HIS C 185 4.60 2.62 9.21
C HIS C 185 5.11 1.32 9.82
N HIS C 186 4.81 0.19 9.17
CA HIS C 186 5.19 -1.14 9.70
C HIS C 186 6.06 -1.95 8.75
N SER C 187 6.30 -1.41 7.56
CA SER C 187 7.09 -2.06 6.52
C SER C 187 7.35 -1.06 5.41
N VAL C 188 8.19 -1.47 4.46
CA VAL C 188 8.48 -0.71 3.26
C VAL C 188 8.15 -1.63 2.07
N THR C 189 7.46 -1.08 1.06
CA THR C 189 7.22 -1.80 -0.20
C THR C 189 8.00 -1.10 -1.27
N GLY C 190 8.97 -1.80 -1.83
CA GLY C 190 9.71 -1.30 -2.98
C GLY C 190 8.89 -1.57 -4.23
N ARG C 191 8.51 -0.49 -4.95
CA ARG C 191 7.71 -0.58 -6.17
C ARG C 191 8.53 -0.49 -7.43
N PRO C 192 8.09 -1.18 -8.50
CA PRO C 192 8.85 -1.13 -9.76
C PRO C 192 8.83 0.23 -10.44
N SER C 193 9.93 0.56 -11.12
CA SER C 193 10.08 1.81 -11.86
C SER C 193 11.18 1.64 -12.90
N VAL C 194 11.07 2.35 -14.06
CA VAL C 194 12.05 2.25 -15.16
C VAL C 194 13.50 2.41 -14.65
N ASN C 195 13.75 3.43 -13.84
CA ASN C 195 15.10 3.67 -13.31
C ASN C 195 15.39 3.01 -11.95
N GLY C 196 14.50 2.11 -11.53
CA GLY C 196 14.64 1.43 -10.25
C GLY C 196 14.39 -0.06 -10.37
N LEU C 197 13.59 -0.60 -9.44
CA LEU C 197 13.25 -2.02 -9.35
C LEU C 197 12.52 -2.57 -10.55
N ALA C 198 12.84 -3.80 -10.95
CA ALA C 198 12.11 -4.44 -12.05
C ALA C 198 10.83 -5.05 -11.50
N LEU C 199 10.88 -5.50 -10.24
CA LEU C 199 9.78 -6.19 -9.56
C LEU C 199 9.63 -5.67 -8.12
N ALA C 200 8.44 -5.88 -7.51
CA ALA C 200 8.25 -5.40 -6.12
C ALA C 200 9.11 -6.18 -5.12
N GLU C 201 9.32 -5.59 -3.95
CA GLU C 201 9.93 -6.25 -2.81
C GLU C 201 9.33 -5.64 -1.56
N TYR C 202 9.30 -6.42 -0.48
CA TYR C 202 8.64 -6.05 0.78
C TYR C 202 9.64 -6.21 1.88
N VAL C 203 9.73 -5.19 2.74
CA VAL C 203 10.76 -5.20 3.78
C VAL C 203 10.14 -4.95 5.14
N ILE C 204 10.47 -5.79 6.10
CA ILE C 204 10.06 -5.64 7.50
C ILE C 204 11.36 -5.43 8.27
N TYR C 205 11.25 -4.81 9.44
CA TYR C 205 12.41 -4.44 10.24
C TYR C 205 12.37 -5.08 11.62
N ARG C 206 11.43 -6.05 11.78
CA ARG C 206 11.21 -6.79 13.03
C ARG C 206 11.01 -8.23 12.62
N GLY C 207 11.87 -9.13 13.10
CA GLY C 207 11.79 -10.56 12.79
C GLY C 207 10.44 -11.19 13.06
N GLU C 208 9.75 -10.73 14.11
CA GLU C 208 8.46 -11.29 14.52
C GLU C 208 7.32 -10.95 13.58
N GLN C 209 7.56 -10.11 12.58
CA GLN C 209 6.52 -9.73 11.63
C GLN C 209 6.41 -10.69 10.43
N ALA C 210 7.11 -11.84 10.50
CA ALA C 210 6.98 -12.88 9.45
C ALA C 210 7.00 -14.24 10.10
N TYR C 211 6.29 -15.19 9.52
CA TYR C 211 6.24 -16.55 9.98
C TYR C 211 6.58 -17.46 8.79
N PRO C 212 7.59 -18.35 8.91
CA PRO C 212 7.97 -19.22 7.75
C PRO C 212 7.02 -20.40 7.64
N GLU C 213 5.86 -20.19 7.03
CA GLU C 213 4.79 -21.18 6.99
C GLU C 213 5.00 -22.43 6.12
N TYR C 214 5.60 -22.27 4.93
CA TYR C 214 5.82 -23.43 4.06
C TYR C 214 7.23 -23.48 3.60
N LEU C 215 7.79 -24.67 3.57
CA LEU C 215 9.12 -24.92 3.02
C LEU C 215 8.89 -25.64 1.68
N ILE C 216 9.35 -25.04 0.60
CA ILE C 216 9.14 -25.58 -0.74
C ILE C 216 10.43 -26.12 -1.28
N THR C 217 10.46 -27.43 -1.64
CA THR C 217 11.65 -28.05 -2.22
C THR C 217 11.33 -28.17 -3.71
N TYR C 218 12.23 -27.70 -4.55
CA TYR C 218 11.98 -27.67 -5.99
C TYR C 218 13.24 -27.65 -6.81
N GLN C 219 13.08 -27.79 -8.14
CA GLN C 219 14.17 -27.57 -9.07
C GLN C 219 13.69 -26.53 -10.07
N ILE C 220 14.61 -25.74 -10.64
CA ILE C 220 14.25 -24.90 -11.78
C ILE C 220 14.27 -25.86 -12.98
N MET C 221 13.43 -25.64 -13.99
CA MET C 221 13.41 -26.54 -15.14
C MET C 221 14.01 -25.92 -16.38
N ARG C 222 14.76 -26.73 -17.14
CA ARG C 222 15.33 -26.25 -18.39
C ARG C 222 14.18 -25.86 -19.34
N PRO C 223 14.19 -24.64 -19.94
CA PRO C 223 13.09 -24.26 -20.86
C PRO C 223 12.89 -25.24 -22.00
N GLU C 224 11.61 -25.50 -22.35
CA GLU C 224 11.18 -26.42 -23.40
C GLU C 224 10.64 -25.64 -24.59
N GLU D 27 -15.11 11.83 18.91
CA GLU D 27 -14.64 11.69 17.53
C GLU D 27 -14.42 13.01 16.77
N PHE D 28 -15.12 14.10 17.15
CA PHE D 28 -14.94 15.41 16.49
C PHE D 28 -13.64 16.09 16.89
N GLN D 29 -13.16 15.89 18.15
CA GLN D 29 -11.88 16.45 18.60
C GLN D 29 -10.76 15.82 17.75
N SER D 30 -10.88 14.52 17.45
CA SER D 30 -9.96 13.76 16.61
C SER D 30 -9.92 14.35 15.20
N VAL D 31 -11.11 14.68 14.63
CA VAL D 31 -11.23 15.29 13.31
C VAL D 31 -10.62 16.73 13.34
N GLU D 32 -10.91 17.55 14.37
CA GLU D 32 -10.31 18.92 14.47
C GLU D 32 -8.79 18.79 14.52
N GLU D 33 -8.28 17.84 15.32
CA GLU D 33 -6.83 17.62 15.44
C GLU D 33 -6.20 17.20 14.10
N GLU D 34 -6.87 16.33 13.33
CA GLU D 34 -6.36 15.90 12.03
C GLU D 34 -6.36 17.09 11.08
N MET D 35 -7.42 17.91 11.12
CA MET D 35 -7.55 19.11 10.29
C MET D 35 -6.37 20.08 10.59
N GLN D 36 -6.15 20.41 11.87
CA GLN D 36 -5.08 21.33 12.27
C GLN D 36 -3.67 20.78 12.09
N SER D 37 -3.41 19.55 12.57
CA SER D 37 -2.06 18.97 12.58
C SER D 37 -1.46 18.61 11.23
N THR D 38 -2.31 18.50 10.20
CA THR D 38 -1.86 18.12 8.86
C THR D 38 -1.61 19.30 7.95
N VAL D 39 -1.72 20.55 8.46
CA VAL D 39 -1.44 21.75 7.67
C VAL D 39 0.05 21.76 7.32
N ARG D 40 0.38 22.10 6.08
CA ARG D 40 1.78 22.20 5.64
C ARG D 40 1.97 23.50 4.87
N GLU D 41 3.23 23.91 4.71
CA GLU D 41 3.63 25.06 3.91
C GLU D 41 3.63 24.57 2.46
N HIS D 42 2.89 25.24 1.58
CA HIS D 42 2.79 24.80 0.20
C HIS D 42 3.81 25.44 -0.72
N ARG D 43 4.30 24.66 -1.71
CA ARG D 43 5.29 25.10 -2.70
C ARG D 43 4.85 26.36 -3.49
N ASP D 44 3.53 26.51 -3.70
CA ASP D 44 2.96 27.65 -4.42
C ASP D 44 2.90 28.97 -3.60
N GLY D 45 3.44 28.95 -2.37
CA GLY D 45 3.46 30.09 -1.46
C GLY D 45 2.09 30.59 -1.02
N GLY D 46 1.09 29.71 -1.09
CA GLY D 46 -0.28 30.02 -0.71
C GLY D 46 -1.14 30.50 -1.86
N HIS D 47 -0.63 30.41 -3.10
CA HIS D 47 -1.37 30.87 -4.27
C HIS D 47 -2.78 30.29 -4.39
N ALA D 48 -2.90 28.95 -4.36
CA ALA D 48 -4.17 28.27 -4.53
C ALA D 48 -5.10 28.35 -3.32
N GLY D 49 -4.56 28.09 -2.13
CA GLY D 49 -5.37 27.97 -0.91
C GLY D 49 -5.34 29.11 0.09
N GLY D 50 -4.46 30.07 -0.12
CA GLY D 50 -4.29 31.19 0.80
C GLY D 50 -3.11 31.04 1.74
N ILE D 51 -2.81 32.11 2.48
CA ILE D 51 -1.69 32.14 3.43
C ILE D 51 -2.22 31.97 4.84
N PHE D 52 -1.79 30.90 5.52
CA PHE D 52 -2.24 30.55 6.87
C PHE D 52 -1.39 29.42 7.45
N ASN D 53 -1.35 29.34 8.78
CA ASN D 53 -0.68 28.28 9.52
C ASN D 53 -1.73 27.41 10.21
N ARG D 54 -2.92 27.98 10.43
CA ARG D 54 -3.99 27.27 11.12
C ARG D 54 -5.37 27.71 10.64
N TYR D 55 -6.40 27.04 11.13
CA TYR D 55 -7.77 27.35 10.78
C TYR D 55 -8.52 27.80 12.03
N ASN D 56 -9.66 28.47 11.80
CA ASN D 56 -10.65 28.72 12.83
C ASN D 56 -11.75 27.70 12.49
N ILE D 57 -11.81 26.58 13.24
CA ILE D 57 -12.79 25.50 12.96
C ILE D 57 -14.13 25.92 13.57
N LEU D 58 -15.16 26.09 12.72
CA LEU D 58 -16.46 26.57 13.18
C LEU D 58 -17.44 25.47 13.51
N LYS D 59 -17.47 24.40 12.72
CA LYS D 59 -18.42 23.30 12.89
C LYS D 59 -17.87 22.03 12.27
N ILE D 60 -18.20 20.87 12.86
CA ILE D 60 -17.85 19.55 12.32
C ILE D 60 -19.14 18.75 12.42
N GLN D 61 -19.64 18.28 11.27
CA GLN D 61 -20.90 17.52 11.21
C GLN D 61 -20.61 16.14 10.62
N LYS D 62 -21.20 15.12 11.23
CA LYS D 62 -21.07 13.76 10.71
C LYS D 62 -22.18 13.55 9.67
N VAL D 63 -21.80 13.00 8.50
CA VAL D 63 -22.72 12.71 7.41
C VAL D 63 -23.22 11.27 7.55
N CYS D 64 -24.54 11.11 7.62
CA CYS D 64 -25.14 9.79 7.76
C CYS D 64 -26.08 9.60 6.59
N ASN D 65 -25.54 8.99 5.51
CA ASN D 65 -26.32 8.76 4.32
C ASN D 65 -26.25 7.25 4.08
N LYS D 66 -27.27 6.53 4.55
CA LYS D 66 -27.34 5.07 4.47
C LYS D 66 -27.12 4.49 3.07
N LYS D 67 -27.78 5.07 2.04
CA LYS D 67 -27.66 4.64 0.65
C LYS D 67 -26.20 4.77 0.15
N LEU D 68 -25.55 5.90 0.45
CA LEU D 68 -24.14 6.09 0.04
C LEU D 68 -23.23 5.17 0.81
N TRP D 69 -23.51 4.95 2.11
CA TRP D 69 -22.72 4.03 2.92
C TRP D 69 -22.76 2.61 2.35
N GLU D 70 -23.96 2.14 1.98
CA GLU D 70 -24.10 0.80 1.38
C GLU D 70 -23.37 0.67 0.06
N ARG D 71 -23.45 1.73 -0.78
CA ARG D 71 -22.71 1.72 -2.07
C ARG D 71 -21.19 1.60 -1.81
N TYR D 72 -20.72 2.38 -0.81
CA TYR D 72 -19.33 2.37 -0.40
C TYR D 72 -18.89 0.98 0.14
N THR D 73 -19.63 0.42 1.12
CA THR D 73 -19.24 -0.88 1.70
C THR D 73 -19.34 -2.03 0.70
N HIS D 74 -20.27 -1.95 -0.27
CA HIS D 74 -20.37 -2.97 -1.30
C HIS D 74 -19.07 -3.00 -2.15
N ARG D 75 -18.61 -1.82 -2.58
CA ARG D 75 -17.39 -1.72 -3.36
C ARG D 75 -16.17 -2.09 -2.50
N ARG D 76 -16.15 -1.65 -1.25
CA ARG D 76 -15.04 -1.92 -0.33
C ARG D 76 -14.81 -3.44 -0.19
N LYS D 77 -15.90 -4.21 -0.09
CA LYS D 77 -15.82 -5.67 0.01
C LYS D 77 -15.21 -6.26 -1.27
N GLU D 78 -15.62 -5.77 -2.46
CA GLU D 78 -15.11 -6.23 -3.76
C GLU D 78 -13.61 -5.95 -3.87
N VAL D 79 -13.19 -4.72 -3.51
CA VAL D 79 -11.78 -4.35 -3.54
C VAL D 79 -10.99 -5.27 -2.59
N SER D 80 -11.46 -5.40 -1.35
CA SER D 80 -10.82 -6.26 -0.35
C SER D 80 -10.60 -7.69 -0.90
N GLU D 81 -11.63 -8.28 -1.51
CA GLU D 81 -11.55 -9.62 -2.10
C GLU D 81 -10.51 -9.74 -3.19
N GLU D 82 -10.30 -8.66 -3.96
CA GLU D 82 -9.31 -8.57 -5.03
C GLU D 82 -7.93 -8.24 -4.54
N ASN D 83 -7.83 -7.75 -3.32
CA ASN D 83 -6.57 -7.32 -2.75
C ASN D 83 -6.19 -8.09 -1.48
N HIS D 84 -6.15 -9.44 -1.58
CA HIS D 84 -5.78 -10.32 -0.44
C HIS D 84 -6.50 -9.98 0.88
N ASN D 85 -7.80 -9.61 0.79
CA ASN D 85 -8.63 -9.27 1.94
C ASN D 85 -8.20 -7.99 2.67
N HIS D 86 -7.57 -7.06 1.92
CA HIS D 86 -7.13 -5.76 2.44
C HIS D 86 -7.75 -4.61 1.63
N ALA D 87 -8.75 -3.93 2.21
CA ALA D 87 -9.39 -2.81 1.50
C ALA D 87 -8.43 -1.62 1.39
N ASN D 88 -7.43 -1.50 2.33
CA ASN D 88 -6.50 -0.36 2.37
C ASN D 88 -7.33 0.95 2.45
N GLU D 89 -8.20 1.01 3.47
CA GLU D 89 -9.04 2.16 3.72
C GLU D 89 -8.27 3.24 4.50
N ARG D 90 -8.46 4.49 4.10
CA ARG D 90 -7.84 5.63 4.78
C ARG D 90 -8.84 6.74 4.96
N MET D 91 -8.64 7.58 5.99
CA MET D 91 -9.47 8.78 6.18
C MET D 91 -8.68 9.89 5.52
N LEU D 92 -9.26 10.53 4.50
CA LEU D 92 -8.57 11.56 3.74
C LEU D 92 -9.45 12.77 3.50
N PHE D 93 -8.83 13.94 3.27
CA PHE D 93 -9.57 15.16 3.00
C PHE D 93 -9.94 15.29 1.52
N HIS D 94 -11.03 16.00 1.23
CA HIS D 94 -11.47 16.33 -0.11
C HIS D 94 -11.97 17.76 -0.12
N GLY D 95 -11.48 18.53 -1.07
CA GLY D 95 -11.90 19.90 -1.29
C GLY D 95 -12.65 19.98 -2.61
N SER D 96 -13.80 20.65 -2.60
CA SER D 96 -14.63 20.77 -3.79
C SER D 96 -15.69 21.89 -3.63
N PRO D 97 -15.98 22.64 -4.72
CA PRO D 97 -17.10 23.59 -4.67
C PRO D 97 -18.46 22.88 -4.63
N PHE D 98 -18.48 21.57 -4.89
CA PHE D 98 -19.71 20.79 -4.95
C PHE D 98 -19.94 19.87 -3.75
N VAL D 99 -19.41 20.24 -2.55
CA VAL D 99 -19.52 19.41 -1.35
C VAL D 99 -20.98 19.07 -0.97
N ASN D 100 -21.95 20.00 -1.19
CA ASN D 100 -23.34 19.71 -0.86
C ASN D 100 -23.92 18.65 -1.78
N ALA D 101 -23.59 18.67 -3.07
CA ALA D 101 -24.03 17.63 -4.03
C ALA D 101 -23.39 16.29 -3.65
N ILE D 102 -22.10 16.29 -3.23
CA ILE D 102 -21.37 15.06 -2.83
C ILE D 102 -22.06 14.40 -1.64
N ILE D 103 -22.46 15.20 -0.61
CA ILE D 103 -23.09 14.61 0.56
C ILE D 103 -24.43 13.94 0.22
N HIS D 104 -25.17 14.48 -0.75
CA HIS D 104 -26.46 13.93 -1.12
C HIS D 104 -26.36 12.82 -2.16
N LYS D 105 -25.54 13.03 -3.20
CA LYS D 105 -25.45 12.08 -4.32
C LYS D 105 -24.22 11.18 -4.33
N GLY D 106 -23.20 11.52 -3.54
CA GLY D 106 -21.96 10.76 -3.51
C GLY D 106 -20.96 11.27 -4.52
N PHE D 107 -19.74 10.71 -4.47
CA PHE D 107 -18.70 11.05 -5.43
C PHE D 107 -19.09 10.40 -6.79
N ASP D 108 -18.73 11.04 -7.90
CA ASP D 108 -19.11 10.53 -9.23
C ASP D 108 -17.96 10.75 -10.21
N GLU D 109 -17.32 9.66 -10.65
CA GLU D 109 -16.17 9.76 -11.57
C GLU D 109 -16.60 10.39 -12.92
N ARG D 110 -17.92 10.34 -13.25
CA ARG D 110 -18.43 10.94 -14.51
C ARG D 110 -18.21 12.45 -14.52
N HIS D 111 -18.04 13.04 -13.34
CA HIS D 111 -17.72 14.45 -13.18
C HIS D 111 -16.24 14.70 -12.95
N ALA D 112 -15.38 13.71 -13.17
CA ALA D 112 -13.95 13.92 -12.96
C ALA D 112 -13.27 14.75 -14.08
N ILE D 114 -10.28 14.41 -17.47
CA ILE D 114 -8.82 14.51 -17.61
C ILE D 114 -8.44 16.01 -17.46
N GLY D 115 -7.21 16.27 -17.08
CA GLY D 115 -6.74 17.63 -16.83
C GLY D 115 -6.02 17.62 -15.50
N GLY D 116 -6.44 16.68 -14.64
CA GLY D 116 -5.80 16.42 -13.35
C GLY D 116 -4.46 15.79 -13.63
N MET D 117 -3.46 16.08 -12.79
CA MET D 117 -2.10 15.56 -12.91
C MET D 117 -2.10 14.03 -13.07
N PHE D 118 -2.99 13.34 -12.32
CA PHE D 118 -3.07 11.88 -12.45
C PHE D 118 -4.29 11.37 -13.26
N GLY D 119 -4.85 12.25 -14.10
CA GLY D 119 -5.95 11.92 -15.00
C GLY D 119 -7.36 12.13 -14.46
N ALA D 120 -8.33 11.43 -15.10
CA ALA D 120 -9.76 11.53 -14.81
C ALA D 120 -10.20 10.81 -13.55
N GLY D 121 -9.71 11.29 -12.41
CA GLY D 121 -10.01 10.71 -11.12
C GLY D 121 -10.61 11.69 -10.14
N ILE D 122 -10.86 11.21 -8.93
CA ILE D 122 -11.38 11.97 -7.79
C ILE D 122 -10.21 12.03 -6.79
N TYR D 123 -9.84 13.26 -6.40
CA TYR D 123 -8.65 13.59 -5.61
C TYR D 123 -8.84 13.79 -4.12
N PHE D 124 -7.97 13.17 -3.34
CA PHE D 124 -7.97 13.26 -1.89
C PHE D 124 -6.57 13.53 -1.35
N ALA D 125 -6.49 13.98 -0.10
CA ALA D 125 -5.19 14.27 0.50
C ALA D 125 -5.10 13.91 1.94
N GLU D 126 -3.90 13.59 2.42
CA GLU D 126 -3.74 13.32 3.85
C GLU D 126 -3.44 14.65 4.60
N ASN D 127 -3.17 15.74 3.86
CA ASN D 127 -2.91 17.06 4.43
C ASN D 127 -4.11 17.95 4.16
N SER D 128 -4.80 18.42 5.22
CA SER D 128 -5.98 19.27 5.07
C SER D 128 -5.69 20.50 4.20
N SER D 129 -4.50 21.12 4.36
CA SER D 129 -4.14 22.29 3.56
C SER D 129 -4.04 21.99 2.04
N LYS D 130 -3.71 20.75 1.66
CA LYS D 130 -3.70 20.33 0.24
C LYS D 130 -5.16 20.35 -0.27
N SER D 131 -6.11 19.72 0.44
CA SER D 131 -7.53 19.73 0.05
C SER D 131 -8.11 21.14 0.05
N ASN D 132 -7.62 22.01 0.98
CA ASN D 132 -8.02 23.41 1.04
C ASN D 132 -7.76 24.13 -0.29
N GLN D 133 -6.71 23.70 -1.05
CA GLN D 133 -6.39 24.27 -2.35
C GLN D 133 -7.45 23.98 -3.42
N TYR D 134 -8.35 23.00 -3.17
CA TYR D 134 -9.38 22.53 -4.12
C TYR D 134 -10.78 23.10 -3.80
N VAL D 135 -10.97 23.69 -2.60
CA VAL D 135 -12.26 24.18 -2.13
C VAL D 135 -13.04 25.06 -3.11
N TYR D 136 -12.34 26.02 -3.70
CA TYR D 136 -12.94 26.98 -4.60
C TYR D 136 -12.71 26.66 -6.09
N GLY D 137 -12.21 25.45 -6.36
CA GLY D 137 -11.93 24.96 -7.71
C GLY D 137 -10.49 24.52 -7.91
N ILE D 138 -10.14 24.10 -9.14
CA ILE D 138 -8.77 23.67 -9.45
C ILE D 138 -7.84 24.87 -9.31
N GLY D 139 -6.77 24.69 -8.53
CA GLY D 139 -5.83 25.76 -8.23
C GLY D 139 -6.46 26.88 -7.43
N GLY D 140 -7.55 26.56 -6.73
CA GLY D 140 -8.29 27.52 -5.93
C GLY D 140 -9.28 28.35 -6.73
N GLY D 141 -9.41 28.06 -8.05
CA GLY D 141 -10.29 28.80 -8.95
C GLY D 141 -10.06 30.28 -8.87
N THR D 142 -11.15 31.07 -8.73
CA THR D 142 -11.10 32.51 -8.54
C THR D 142 -11.29 32.88 -7.05
N GLY D 143 -11.16 31.90 -6.17
CA GLY D 143 -11.33 32.12 -4.73
C GLY D 143 -12.78 32.20 -4.31
N CYS D 144 -13.05 32.83 -3.16
CA CYS D 144 -14.41 32.92 -2.60
C CYS D 144 -15.40 33.60 -3.56
N PRO D 145 -16.69 33.20 -3.59
CA PRO D 145 -17.65 33.88 -4.49
C PRO D 145 -17.88 35.37 -4.20
N VAL D 146 -17.83 35.78 -2.92
CA VAL D 146 -18.06 37.17 -2.51
C VAL D 146 -16.92 38.14 -2.86
N HIS D 147 -15.67 37.79 -2.53
CA HIS D 147 -14.53 38.69 -2.72
C HIS D 147 -13.55 38.30 -3.83
N LYS D 148 -13.74 37.13 -4.48
CA LYS D 148 -12.84 36.59 -5.52
C LYS D 148 -11.40 36.53 -4.98
N ASP D 149 -11.26 36.07 -3.73
CA ASP D 149 -10.01 36.03 -3.02
C ASP D 149 -9.70 34.60 -2.59
N ARG D 150 -8.61 34.02 -3.16
CA ARG D 150 -8.20 32.67 -2.80
C ARG D 150 -7.69 32.61 -1.35
N SER D 151 -7.26 33.74 -0.80
CA SER D 151 -6.78 33.82 0.58
C SER D 151 -7.80 34.52 1.49
N CYS D 152 -9.12 34.44 1.17
CA CYS D 152 -10.13 35.10 1.98
C CYS D 152 -10.12 34.59 3.40
N TYR D 153 -10.09 35.48 4.39
CA TYR D 153 -10.12 35.13 5.79
C TYR D 153 -11.52 35.35 6.36
N ILE D 154 -12.42 35.91 5.54
CA ILE D 154 -13.76 36.26 5.97
C ILE D 154 -14.75 35.15 5.70
N CYS D 155 -14.83 34.69 4.44
CA CYS D 155 -15.77 33.69 4.01
C CYS D 155 -15.52 32.34 4.64
N HIS D 156 -16.61 31.67 5.03
CA HIS D 156 -16.53 30.35 5.64
C HIS D 156 -16.38 29.31 4.55
N ARG D 157 -15.40 28.41 4.72
CA ARG D 157 -15.08 27.33 3.76
C ARG D 157 -15.59 26.02 4.30
N GLN D 158 -15.70 25.03 3.42
CA GLN D 158 -16.10 23.68 3.83
C GLN D 158 -15.20 22.66 3.15
N LEU D 159 -14.77 21.64 3.92
CA LEU D 159 -13.93 20.53 3.45
C LEU D 159 -14.68 19.26 3.87
N LEU D 160 -14.41 18.13 3.17
CA LEU D 160 -14.94 16.84 3.59
C LEU D 160 -13.79 15.99 4.14
N PHE D 161 -14.04 15.21 5.18
CA PHE D 161 -13.06 14.23 5.69
C PHE D 161 -13.72 12.89 5.42
N CYS D 162 -13.13 12.14 4.49
CA CYS D 162 -13.75 10.97 3.84
C CYS D 162 -13.14 9.65 4.13
N ARG D 163 -13.94 8.59 4.07
CA ARG D 163 -13.47 7.21 4.12
C ARG D 163 -13.14 6.85 2.67
N VAL D 164 -11.89 6.45 2.38
CA VAL D 164 -11.51 6.17 0.98
C VAL D 164 -10.90 4.78 0.89
N THR D 165 -11.43 3.94 0.01
CA THR D 165 -10.86 2.62 -0.27
C THR D 165 -9.78 2.75 -1.33
N LEU D 166 -8.52 2.49 -0.96
CA LEU D 166 -7.41 2.58 -1.94
C LEU D 166 -7.07 1.26 -2.60
N GLY D 167 -7.36 0.15 -1.92
CA GLY D 167 -6.96 -1.19 -2.37
C GLY D 167 -5.47 -1.25 -2.70
N LYS D 168 -5.11 -1.86 -3.84
CA LYS D 168 -3.69 -1.87 -4.28
C LYS D 168 -3.47 -0.54 -4.97
N SER D 169 -2.69 0.33 -4.35
CA SER D 169 -2.50 1.69 -4.83
C SER D 169 -1.23 1.83 -5.66
N PHE D 170 -1.39 2.31 -6.89
CA PHE D 170 -0.26 2.48 -7.81
C PHE D 170 0.51 3.73 -7.45
N LEU D 171 1.82 3.57 -7.28
CA LEU D 171 2.67 4.71 -6.94
C LEU D 171 3.09 5.45 -8.20
N GLN D 172 2.95 6.78 -8.18
CA GLN D 172 3.28 7.64 -9.32
C GLN D 172 3.91 8.96 -8.88
N PHE D 173 5.02 9.37 -9.51
CA PHE D 173 5.64 10.65 -9.19
C PHE D 173 5.36 11.72 -10.27
N SER D 174 5.47 11.35 -11.56
CA SER D 174 5.23 12.26 -12.68
C SER D 174 3.79 12.22 -13.18
N ALA D 175 3.35 13.29 -13.88
CA ALA D 175 2.00 13.39 -14.42
C ALA D 175 1.74 12.20 -15.33
N MET D 176 0.66 11.47 -15.06
CA MET D 176 0.26 10.26 -15.79
C MET D 176 -1.24 10.36 -15.92
N LYS D 177 -1.68 11.04 -17.00
CA LYS D 177 -3.11 11.23 -17.26
C LYS D 177 -3.76 9.94 -17.72
N MET D 178 -4.48 9.31 -16.79
CA MET D 178 -5.14 8.03 -17.03
C MET D 178 -6.62 8.08 -16.78
N ALA D 179 -7.33 7.16 -17.41
CA ALA D 179 -8.79 7.17 -17.33
C ALA D 179 -9.28 6.34 -16.18
N HIS D 180 -8.55 5.25 -15.86
CA HIS D 180 -8.96 4.29 -14.83
C HIS D 180 -7.74 3.91 -14.02
N SER D 181 -7.95 3.14 -12.94
CA SER D 181 -6.80 2.63 -12.19
C SER D 181 -5.93 1.77 -13.13
N PRO D 182 -4.60 1.77 -12.95
CA PRO D 182 -3.76 0.86 -13.74
C PRO D 182 -4.22 -0.61 -13.56
N PRO D 183 -3.98 -1.50 -14.55
CA PRO D 183 -4.36 -2.90 -14.37
C PRO D 183 -3.88 -3.49 -13.03
N GLY D 184 -4.75 -4.27 -12.40
CA GLY D 184 -4.50 -4.89 -11.10
C GLY D 184 -4.47 -3.93 -9.91
N HIS D 185 -4.77 -2.63 -10.13
CA HIS D 185 -4.76 -1.62 -9.05
C HIS D 185 -6.12 -1.03 -8.81
N HIS D 186 -6.30 -0.34 -7.65
CA HIS D 186 -7.62 0.21 -7.29
C HIS D 186 -7.58 1.73 -7.08
N SER D 187 -6.40 2.33 -7.14
CA SER D 187 -6.20 3.77 -6.93
C SER D 187 -4.79 4.14 -7.33
N VAL D 188 -4.49 5.45 -7.26
CA VAL D 188 -3.14 5.99 -7.54
C VAL D 188 -2.69 6.84 -6.34
N THR D 189 -1.44 6.59 -5.86
CA THR D 189 -0.79 7.40 -4.81
C THR D 189 0.23 8.23 -5.55
N GLY D 190 -0.06 9.52 -5.63
CA GLY D 190 0.79 10.48 -6.28
C GLY D 190 1.61 11.21 -5.25
N ARG D 191 2.92 11.31 -5.50
CA ARG D 191 3.84 11.98 -4.58
C ARG D 191 4.67 13.05 -5.31
N ALA D 200 1.48 13.75 -0.12
CA ALA D 200 0.84 12.66 -0.89
C ALA D 200 -0.62 12.97 -1.25
N GLU D 201 -1.00 12.68 -2.53
CA GLU D 201 -2.35 12.83 -3.09
C GLU D 201 -2.80 11.45 -3.51
N TYR D 202 -4.08 11.15 -3.30
CA TYR D 202 -4.68 9.84 -3.57
C TYR D 202 -5.81 10.03 -4.56
N VAL D 203 -5.82 9.19 -5.62
CA VAL D 203 -6.79 9.35 -6.71
C VAL D 203 -7.55 8.04 -6.88
N ILE D 204 -8.88 8.12 -6.90
CA ILE D 204 -9.74 6.97 -7.19
C ILE D 204 -10.42 7.27 -8.53
N TYR D 205 -10.85 6.23 -9.23
CA TYR D 205 -11.43 6.36 -10.56
C TYR D 205 -12.83 5.80 -10.60
N ARG D 206 -13.40 5.50 -9.40
CA ARG D 206 -14.76 5.00 -9.20
C ARG D 206 -15.34 5.74 -8.01
N GLY D 207 -16.42 6.47 -8.23
CA GLY D 207 -17.05 7.26 -7.18
C GLY D 207 -17.45 6.48 -5.93
N GLU D 208 -17.82 5.19 -6.09
CA GLU D 208 -18.26 4.37 -4.96
C GLU D 208 -17.10 3.99 -4.01
N GLN D 209 -15.84 4.33 -4.37
CA GLN D 209 -14.71 4.02 -3.53
C GLN D 209 -14.43 5.09 -2.44
N ALA D 210 -15.39 6.01 -2.23
CA ALA D 210 -15.23 7.00 -1.14
C ALA D 210 -16.59 7.32 -0.55
N TYR D 211 -16.57 7.63 0.75
CA TYR D 211 -17.78 7.99 1.51
C TYR D 211 -17.49 9.34 2.21
N PRO D 212 -18.34 10.38 2.02
CA PRO D 212 -18.09 11.70 2.65
C PRO D 212 -18.54 11.71 4.11
N GLU D 213 -17.71 11.25 5.03
CA GLU D 213 -18.06 11.04 6.44
C GLU D 213 -18.23 12.30 7.32
N TYR D 214 -17.38 13.31 7.15
CA TYR D 214 -17.49 14.54 7.99
C TYR D 214 -17.46 15.75 7.13
N LEU D 215 -18.30 16.73 7.45
CA LEU D 215 -18.32 18.02 6.77
C LEU D 215 -17.75 19.04 7.77
N ILE D 216 -16.66 19.71 7.39
CA ILE D 216 -15.97 20.66 8.26
C ILE D 216 -16.17 22.06 7.75
N THR D 217 -16.71 22.95 8.60
CA THR D 217 -16.89 24.37 8.24
C THR D 217 -15.80 25.13 8.98
N TYR D 218 -15.04 25.96 8.26
CA TYR D 218 -13.90 26.64 8.86
C TYR D 218 -13.49 27.90 8.11
N GLN D 219 -12.54 28.62 8.68
CA GLN D 219 -11.90 29.74 7.98
C GLN D 219 -10.42 29.49 8.03
N ILE D 220 -9.67 29.95 7.03
CA ILE D 220 -8.21 29.95 7.17
C ILE D 220 -7.93 31.19 8.02
N MET D 221 -6.87 31.17 8.85
CA MET D 221 -6.58 32.32 9.71
C MET D 221 -5.36 33.10 9.26
N ARG D 222 -5.45 34.45 9.32
CA ARG D 222 -4.30 35.29 8.97
C ARG D 222 -3.14 34.97 9.93
N PRO D 223 -1.92 34.64 9.41
CA PRO D 223 -0.79 34.34 10.32
C PRO D 223 -0.48 35.50 11.28
N GLU D 224 -0.09 35.17 12.51
CA GLU D 224 0.26 36.16 13.54
C GLU D 224 1.58 36.87 13.22
ZN ZN E . 13.82 29.69 29.49
CAO G18 F . 20.80 10.30 24.75
CAN G18 F . 20.37 10.17 26.12
CAH G18 F . 21.21 9.59 27.10
CAD G18 F . 22.50 9.12 26.79
CAF G18 F . 23.01 9.32 25.41
CAL G18 F . 22.16 9.92 24.47
CAC G18 F . 18.90 11.51 21.72
CAG G18 F . 19.93 10.97 22.35
CAM G18 F . 19.78 10.72 23.77
CAJ G18 F . 18.52 11.13 24.19
NAC G18 F . 18.18 11.10 25.52
SAK G18 F . 17.56 11.79 22.85
CAK G18 F . 18.97 10.57 26.50
OAB G18 F . 18.57 10.63 27.63
HAL G18 F . 22.49 9.88 23.41
HAG G18 F . 20.89 10.77 21.89
HAC G18 F . 18.82 11.74 20.64
HAF G18 F . 24.03 9.01 25.15
HAD G18 F . 23.19 8.78 27.58
HAH G18 F . 20.89 9.56 28.17
HAN G18 F . 17.23 11.35 25.85
C1 GOL G . 13.15 8.87 22.18
O1 GOL G . 13.55 10.21 22.33
C2 GOL G . 13.06 8.48 20.72
O2 GOL G . 14.38 8.27 20.19
C3 GOL G . 12.24 7.21 20.59
O3 GOL G . 11.00 7.34 21.30
ZN ZN H . -3.92 -19.45 -39.82
CAO G18 I . -14.20 -3.08 -30.82
CAN G18 I . -15.21 -4.11 -30.95
CAH G18 I . -16.44 -3.82 -31.59
CAD G18 I . -16.78 -2.53 -32.01
CAF G18 I . -15.76 -1.53 -32.00
CAL G18 I . -14.56 -1.79 -31.33
CAC G18 I . -10.92 -3.19 -29.01
CAG G18 I . -11.91 -2.61 -29.66
CAM G18 I . -13.00 -3.43 -30.04
CAJ G18 I . -12.84 -4.72 -29.55
NAC G18 I . -13.76 -5.71 -29.84
SAK G18 I . -11.26 -4.88 -28.73
CAK G18 I . -15.00 -5.46 -30.37
OAB G18 I . -15.71 -6.42 -30.58
HAL G18 I . -13.87 -0.94 -31.18
HAG G18 I . -11.88 -1.58 -30.02
HAC G18 I . -9.96 -2.73 -28.68
HAF G18 I . -16.02 -0.51 -32.38
HAD G18 I . -17.69 -2.36 -32.61
HAH G18 I . -17.18 -4.62 -31.76
HAN G18 I . -13.68 -6.66 -29.45
C1 GOL J . -13.05 1.94 -32.88
O1 GOL J . -13.62 2.94 -32.03
C2 GOL J . -12.77 2.50 -34.25
O2 GOL J . -11.84 3.58 -34.14
C3 GOL J . -14.01 2.97 -34.99
O3 GOL J . -14.96 1.93 -35.17
CAO G18 K . 15.67 -10.59 -1.00
CAN G18 K . 14.58 -11.48 -1.23
CAH G18 K . 13.50 -11.07 -2.08
CAD G18 K . 13.37 -9.74 -2.54
CAF G18 K . 14.51 -8.85 -2.38
CAL G18 K . 15.58 -9.28 -1.61
CAC G18 K . 18.74 -11.05 1.10
CAG G18 K . 17.90 -10.40 0.31
CAM G18 K . 16.74 -11.08 -0.12
CAJ G18 K . 16.74 -12.39 0.39
NAC G18 K . 15.72 -13.24 0.04
SAK G18 K . 18.17 -12.71 1.36
CAK G18 K . 14.60 -12.87 -0.66
OAB G18 K . 13.80 -13.73 -0.94
HAL G18 K . 16.33 -8.52 -1.37
HAG G18 K . 18.06 -9.37 -0.03
HAC G18 K . 19.70 -10.68 1.49
HAF G18 K . 14.46 -7.82 -2.77
HAD G18 K . 12.55 -9.46 -3.24
HAH G18 K . 12.68 -11.77 -2.29
HAN G18 K . 15.67 -14.19 0.42
ZN ZN L . 24.07 -28.58 -8.85
C1 EOH M . 17.65 -5.10 -3.97
C2 EOH M . 16.57 -5.67 -4.97
O EOH M . 17.17 -5.26 -2.57
C1 GOL N . 16.66 -12.43 8.74
O1 GOL N . 16.42 -13.57 9.52
C2 GOL N . 17.44 -12.78 7.50
O2 GOL N . 17.77 -11.58 6.81
C3 GOL N . 16.64 -13.69 6.58
O3 GOL N . 17.46 -14.33 5.59
ZN ZN O . -14.53 36.05 0.75
C1 GOL P . -14.96 15.34 -7.67
O1 GOL P . -15.51 15.89 -6.48
C2 GOL P . -15.99 14.70 -8.56
O2 GOL P . -15.40 14.34 -9.82
C3 GOL P . -16.50 13.44 -7.92
O3 GOL P . -17.71 13.68 -7.25
#